data_5EJC
#
_entry.id   5EJC
#
_cell.length_a   183.395
_cell.length_b   66.704
_cell.length_c   98.370
_cell.angle_alpha   90.000
_cell.angle_beta   91.910
_cell.angle_gamma   90.000
#
_symmetry.space_group_name_H-M   'C 1 2 1'
#
loop_
_entity.id
_entity.type
_entity.pdbx_description
1 polymer 'TBC1 domain family member 7'
2 polymer Hamartin
#
loop_
_entity_poly.entity_id
_entity_poly.type
_entity_poly.pdbx_seq_one_letter_code
_entity_poly.pdbx_strand_id
1 'polypeptide(L)'
;GFRGVEEKKSLEILLKDDRLDTEKLCTFSQRFPLPS(MSE)YRALVWKVLLGILPPHHESHAKV(MSE)(MSE)YRKEQY
LDVLHALKVVRFVSDATPQAEVYLR(MSE)YQLESGKLPRSPSFPLEPDDEVFLAIAKA(MSE)EE(MSE)VEDSVDCYW
ITRRFVNQLNTKYRDSLPQLPKAFEQYLNLEDGRLLTHLR(MSE)CSAAPKLPYDLWFKRCFAGCLPESSLQRVWDKVVS
GSCKILVFVAVEILLTFKIKV(MSE)ALNSAEKITKFLENIPQDSSDAIVSKAIDLWHKHCGTPVHSS
;
A,B
2 'polypeptide(L)' GGQLQAAESRYEAQKRITQVFELEILDLYGRLEKDGLLKKLEEEKAEAAEAAEER C,D,E,F
#
# COMPACT_ATOMS: atom_id res chain seq x y z
N VAL A 5 27.10 19.62 -39.69
CA VAL A 5 27.16 18.25 -40.30
C VAL A 5 28.31 17.40 -39.73
N GLU A 6 29.42 18.06 -39.39
CA GLU A 6 30.55 17.41 -38.75
C GLU A 6 30.19 16.83 -37.37
N GLU A 7 29.25 17.49 -36.68
CA GLU A 7 28.77 17.05 -35.36
C GLU A 7 28.13 15.67 -35.45
N LYS A 8 27.23 15.49 -36.43
CA LYS A 8 26.51 14.23 -36.63
C LYS A 8 27.43 13.00 -36.77
N LYS A 9 28.59 13.19 -37.39
CA LYS A 9 29.53 12.09 -37.61
C LYS A 9 30.21 11.65 -36.32
N SER A 10 30.52 12.60 -35.44
CA SER A 10 31.17 12.31 -34.17
C SER A 10 30.25 11.51 -33.23
N LEU A 11 28.94 11.74 -33.36
CA LEU A 11 27.94 10.95 -32.63
C LEU A 11 27.88 9.52 -33.13
N GLU A 12 27.82 9.37 -34.45
CA GLU A 12 27.78 8.05 -35.08
C GLU A 12 28.95 7.16 -34.65
N ILE A 13 30.08 7.78 -34.32
CA ILE A 13 31.22 7.05 -33.76
C ILE A 13 30.86 6.46 -32.39
N LEU A 14 30.21 7.26 -31.55
CA LEU A 14 29.75 6.78 -30.23
C LEU A 14 28.73 5.66 -30.37
N LEU A 15 27.84 5.79 -31.34
CA LEU A 15 26.76 4.82 -31.55
C LEU A 15 27.25 3.47 -32.08
N LYS A 16 28.46 3.42 -32.63
CA LYS A 16 29.01 2.17 -33.17
C LYS A 16 29.62 1.24 -32.12
N ASP A 17 29.82 1.74 -30.90
CA ASP A 17 30.28 0.91 -29.80
C ASP A 17 29.30 -0.22 -29.53
N ASP A 18 29.83 -1.42 -29.30
CA ASP A 18 29.00 -2.55 -28.90
C ASP A 18 28.34 -2.29 -27.54
N ARG A 19 29.05 -1.54 -26.70
CA ARG A 19 28.53 -1.10 -25.41
C ARG A 19 28.57 0.42 -25.33
N LEU A 20 27.40 1.04 -25.37
CA LEU A 20 27.29 2.50 -25.40
C LEU A 20 27.73 3.16 -24.09
N ASP A 21 28.61 4.15 -24.22
CA ASP A 21 29.06 4.93 -23.08
C ASP A 21 28.05 6.03 -22.80
N THR A 22 27.14 5.76 -21.86
CA THR A 22 26.05 6.69 -21.55
C THR A 22 26.58 8.04 -21.09
N GLU A 23 27.70 8.03 -20.37
CA GLU A 23 28.40 9.25 -19.94
C GLU A 23 28.70 10.19 -21.11
N LYS A 24 29.25 9.62 -22.18
CA LYS A 24 29.64 10.39 -23.37
C LYS A 24 28.43 10.88 -24.16
N LEU A 25 27.38 10.08 -24.19
CA LEU A 25 26.14 10.47 -24.86
C LEU A 25 25.47 11.67 -24.20
N CYS A 26 25.60 11.79 -22.87
CA CYS A 26 25.13 12.97 -22.15
C CYS A 26 25.95 14.19 -22.54
N THR A 27 27.25 14.13 -22.31
CA THR A 27 28.12 15.28 -22.57
C THR A 27 27.99 15.78 -24.00
N PHE A 28 27.72 14.86 -24.95
CA PHE A 28 27.42 15.24 -26.34
C PHE A 28 26.08 15.98 -26.43
N SER A 29 25.05 15.39 -25.85
CA SER A 29 23.69 15.97 -25.88
C SER A 29 23.62 17.31 -25.16
N GLN A 30 24.49 17.51 -24.17
CA GLN A 30 24.63 18.79 -23.48
C GLN A 30 25.22 19.83 -24.42
N ARG A 31 26.33 19.49 -25.07
CA ARG A 31 27.02 20.42 -25.98
C ARG A 31 26.25 20.65 -27.29
N PHE A 32 25.88 19.56 -27.96
CA PHE A 32 25.35 19.63 -29.33
C PHE A 32 23.88 19.22 -29.44
N PRO A 33 23.18 19.75 -30.45
CA PRO A 33 21.82 19.32 -30.73
C PRO A 33 21.81 17.95 -31.42
N LEU A 34 20.77 17.15 -31.13
CA LEU A 34 20.69 15.82 -31.68
C LEU A 34 20.16 15.84 -33.11
N PRO A 35 20.77 15.03 -33.99
CA PRO A 35 20.18 14.78 -35.30
C PRO A 35 18.78 14.18 -35.20
N SER A 36 17.87 14.58 -36.09
CA SER A 36 16.49 14.11 -36.06
C SER A 36 16.39 12.59 -36.01
N TYR A 38 18.52 10.29 -34.97
CA TYR A 38 19.05 9.62 -33.77
C TYR A 38 18.43 10.07 -32.45
N ARG A 39 17.53 11.05 -32.49
CA ARG A 39 16.97 11.58 -31.25
C ARG A 39 16.28 10.50 -30.43
N ALA A 40 15.34 9.79 -31.04
CA ALA A 40 14.56 8.76 -30.33
C ALA A 40 15.48 7.73 -29.69
N LEU A 41 16.46 7.26 -30.44
CA LEU A 41 17.43 6.28 -29.95
C LEU A 41 18.18 6.78 -28.72
N VAL A 42 18.77 7.96 -28.83
CA VAL A 42 19.58 8.52 -27.75
C VAL A 42 18.75 8.74 -26.49
N TRP A 43 17.60 9.39 -26.65
CA TRP A 43 16.68 9.59 -25.54
C TRP A 43 16.34 8.28 -24.85
N LYS A 44 16.09 7.23 -25.63
CA LYS A 44 15.76 5.94 -25.06
C LYS A 44 16.93 5.35 -24.28
N VAL A 45 18.14 5.50 -24.79
CA VAL A 45 19.33 4.97 -24.10
C VAL A 45 19.56 5.72 -22.79
N LEU A 46 19.46 7.05 -22.84
CA LEU A 46 19.71 7.88 -21.67
C LEU A 46 18.65 7.69 -20.59
N LEU A 47 17.39 7.57 -21.00
CA LEU A 47 16.30 7.36 -20.05
C LEU A 47 16.24 5.93 -19.50
N GLY A 48 17.13 5.05 -19.97
CA GLY A 48 17.20 3.68 -19.45
C GLY A 48 16.17 2.76 -20.08
N ILE A 49 15.48 3.24 -21.11
CA ILE A 49 14.52 2.42 -21.83
C ILE A 49 15.26 1.30 -22.56
N LEU A 50 16.40 1.65 -23.14
CA LEU A 50 17.32 0.68 -23.72
C LEU A 50 18.60 0.64 -22.92
N PRO A 51 19.18 -0.56 -22.76
CA PRO A 51 20.44 -0.67 -22.05
C PRO A 51 21.59 -0.23 -22.96
N PRO A 52 22.79 -0.06 -22.40
CA PRO A 52 23.93 0.37 -23.21
C PRO A 52 24.39 -0.65 -24.26
N HIS A 53 24.15 -1.96 -24.04
CA HIS A 53 24.52 -2.98 -25.02
C HIS A 53 23.49 -3.10 -26.13
N HIS A 54 23.80 -2.61 -27.33
CA HIS A 54 22.80 -2.58 -28.40
C HIS A 54 22.66 -3.90 -29.15
N GLU A 55 23.00 -5.00 -28.49
CA GLU A 55 22.54 -6.33 -28.90
C GLU A 55 21.29 -6.72 -28.12
N SER A 56 21.16 -6.22 -26.89
CA SER A 56 19.98 -6.47 -26.06
C SER A 56 18.78 -5.66 -26.54
N HIS A 57 19.04 -4.54 -27.18
CA HIS A 57 17.99 -3.58 -27.58
C HIS A 57 16.72 -4.23 -28.12
N ALA A 58 16.88 -5.14 -29.07
CA ALA A 58 15.74 -5.81 -29.69
C ALA A 58 14.97 -6.64 -28.66
N LYS A 59 15.70 -7.42 -27.89
CA LYS A 59 15.12 -8.28 -26.86
C LYS A 59 14.44 -7.48 -25.75
N VAL A 60 15.01 -6.34 -25.38
CA VAL A 60 14.42 -5.49 -24.34
C VAL A 60 13.15 -4.84 -24.83
N TYR A 63 10.13 -6.76 -24.38
CA TYR A 63 9.51 -6.68 -23.05
C TYR A 63 8.68 -5.41 -22.92
N ARG A 64 9.23 -4.30 -23.38
CA ARG A 64 8.54 -2.99 -23.28
C ARG A 64 7.25 -3.02 -24.10
N LYS A 65 7.29 -3.75 -25.22
CA LYS A 65 6.11 -3.93 -26.07
C LYS A 65 5.02 -4.71 -25.34
N GLU A 66 5.40 -5.84 -24.75
CA GLU A 66 4.45 -6.70 -24.03
C GLU A 66 3.82 -5.94 -22.88
N GLN A 67 4.66 -5.24 -22.13
CA GLN A 67 4.23 -4.36 -21.05
C GLN A 67 3.21 -3.32 -21.52
N TYR A 68 3.50 -2.68 -22.64
CA TYR A 68 2.59 -1.69 -23.22
C TYR A 68 1.22 -2.32 -23.49
N LEU A 69 1.22 -3.50 -24.12
CA LEU A 69 -0.02 -4.17 -24.51
C LEU A 69 -0.80 -4.68 -23.31
N ASP A 70 -0.09 -5.31 -22.37
CA ASP A 70 -0.67 -5.80 -21.12
C ASP A 70 -1.45 -4.70 -20.44
N VAL A 71 -0.77 -3.58 -20.18
CA VAL A 71 -1.36 -2.46 -19.48
C VAL A 71 -2.55 -1.93 -20.26
N LEU A 72 -2.32 -1.59 -21.52
CA LEU A 72 -3.38 -1.06 -22.37
C LEU A 72 -4.60 -1.95 -22.33
N HIS A 73 -4.40 -3.26 -22.54
CA HIS A 73 -5.50 -4.21 -22.51
C HIS A 73 -6.26 -4.17 -21.18
N ALA A 74 -5.52 -4.12 -20.08
CA ALA A 74 -6.12 -4.06 -18.75
C ALA A 74 -7.09 -2.89 -18.62
N LEU A 75 -6.74 -1.75 -19.19
CA LEU A 75 -7.60 -0.57 -19.15
C LEU A 75 -8.90 -0.78 -19.92
N LYS A 76 -8.82 -1.57 -21.01
CA LYS A 76 -10.00 -1.88 -21.80
C LYS A 76 -10.91 -2.86 -21.07
N VAL A 77 -10.31 -3.74 -20.27
CA VAL A 77 -11.06 -4.68 -19.44
C VAL A 77 -11.92 -3.94 -18.43
N VAL A 78 -11.31 -2.97 -17.75
CA VAL A 78 -12.01 -2.20 -16.72
C VAL A 78 -12.74 -0.97 -17.27
N ARG A 79 -12.96 -0.94 -18.60
CA ARG A 79 -13.73 0.11 -19.27
C ARG A 79 -13.24 1.53 -18.97
N PHE A 80 -11.91 1.68 -18.83
CA PHE A 80 -11.32 2.98 -18.55
C PHE A 80 -11.01 3.75 -19.84
N VAL A 81 -10.78 3.01 -20.93
CA VAL A 81 -10.50 3.60 -22.24
C VAL A 81 -11.18 2.81 -23.34
N SER A 82 -11.55 3.52 -24.41
CA SER A 82 -12.11 2.91 -25.61
C SER A 82 -11.38 3.48 -26.82
N ASP A 83 -11.82 3.10 -28.02
CA ASP A 83 -11.22 3.64 -29.25
C ASP A 83 -11.49 5.14 -29.42
N ALA A 84 -12.54 5.63 -28.78
CA ALA A 84 -12.87 7.06 -28.78
C ALA A 84 -11.89 7.94 -27.96
N THR A 85 -11.16 7.32 -27.03
CA THR A 85 -10.26 8.07 -26.15
C THR A 85 -9.02 8.56 -26.92
N PRO A 86 -8.65 9.84 -26.73
CA PRO A 86 -7.41 10.36 -27.33
C PRO A 86 -6.17 9.61 -26.84
N GLN A 87 -5.12 9.58 -27.66
CA GLN A 87 -3.91 8.82 -27.33
C GLN A 87 -3.17 9.39 -26.11
N ALA A 88 -3.18 10.71 -25.96
CA ALA A 88 -2.56 11.34 -24.80
C ALA A 88 -3.28 10.94 -23.51
N GLU A 89 -4.60 10.80 -23.58
CA GLU A 89 -5.40 10.34 -22.44
C GLU A 89 -5.12 8.88 -22.11
N VAL A 90 -4.93 8.07 -23.15
CA VAL A 90 -4.55 6.67 -22.96
C VAL A 90 -3.22 6.61 -22.20
N TYR A 91 -2.21 7.30 -22.71
CA TYR A 91 -0.90 7.32 -22.06
C TYR A 91 -1.04 7.72 -20.59
N LEU A 92 -1.87 8.72 -20.31
CA LEU A 92 -2.13 9.12 -18.92
C LEU A 92 -2.64 7.95 -18.11
N ARG A 93 -3.69 7.30 -18.59
CA ARG A 93 -4.30 6.20 -17.85
C ARG A 93 -3.32 5.05 -17.63
N TYR A 95 -0.03 5.40 -17.47
CA TYR A 95 0.91 5.92 -16.49
C TYR A 95 0.32 5.84 -15.08
N GLN A 96 -0.95 6.19 -14.93
CA GLN A 96 -1.62 6.11 -13.64
C GLN A 96 -1.67 4.67 -13.13
N LEU A 97 -2.01 3.73 -14.00
CA LEU A 97 -2.05 2.31 -13.64
C LEU A 97 -0.68 1.81 -13.21
N GLU A 98 0.34 2.11 -14.01
CA GLU A 98 1.70 1.67 -13.72
C GLU A 98 2.22 2.24 -12.40
N SER A 99 1.86 3.49 -12.09
CA SER A 99 2.27 4.12 -10.83
C SER A 99 1.21 4.02 -9.73
N GLY A 100 0.15 3.28 -9.98
CA GLY A 100 -0.82 2.88 -8.95
C GLY A 100 -1.70 4.00 -8.43
N LYS A 101 -2.09 4.91 -9.31
CA LYS A 101 -2.94 6.04 -8.93
C LYS A 101 -4.07 6.18 -9.93
N LEU A 102 -4.67 5.06 -10.31
CA LEU A 102 -5.81 5.09 -11.20
C LEU A 102 -7.03 5.47 -10.36
N PRO A 103 -7.77 6.54 -10.76
CA PRO A 103 -9.00 6.87 -10.04
C PRO A 103 -10.12 5.84 -10.25
N ARG A 104 -11.30 6.10 -9.67
CA ARG A 104 -12.38 5.11 -9.78
C ARG A 104 -13.08 5.17 -11.14
N SER A 105 -13.30 6.37 -11.68
CA SER A 105 -13.96 6.50 -12.99
C SER A 105 -13.24 7.49 -13.90
N PRO A 106 -13.38 7.30 -15.23
CA PRO A 106 -12.92 8.29 -16.22
C PRO A 106 -13.57 9.66 -16.04
N SER A 107 -14.82 9.69 -15.59
CA SER A 107 -15.56 10.92 -15.36
C SER A 107 -14.96 11.79 -14.24
N PHE A 108 -14.30 11.15 -13.29
CA PHE A 108 -13.66 11.86 -12.17
C PHE A 108 -12.69 12.92 -12.70
N PRO A 109 -12.75 14.16 -12.16
CA PRO A 109 -11.93 15.24 -12.71
C PRO A 109 -10.42 15.01 -12.62
N LEU A 110 -9.69 15.65 -13.52
CA LEU A 110 -8.23 15.49 -13.60
C LEU A 110 -7.55 16.48 -12.67
N GLU A 111 -6.65 16.00 -11.83
CA GLU A 111 -5.93 16.83 -10.87
C GLU A 111 -4.73 17.53 -11.55
N PRO A 112 -4.22 18.62 -10.94
CA PRO A 112 -3.15 19.41 -11.55
C PRO A 112 -2.01 18.60 -12.18
N ASP A 113 -1.49 17.61 -11.44
CA ASP A 113 -0.39 16.77 -11.93
C ASP A 113 -0.75 16.00 -13.20
N ASP A 114 -1.99 15.55 -13.29
CA ASP A 114 -2.45 14.79 -14.45
C ASP A 114 -2.45 15.65 -15.71
N GLU A 115 -2.78 16.94 -15.55
CA GLU A 115 -2.88 17.85 -16.70
C GLU A 115 -1.50 18.28 -17.20
N VAL A 116 -0.51 18.17 -16.32
CA VAL A 116 0.89 18.37 -16.70
C VAL A 116 1.34 17.23 -17.61
N PHE A 117 1.12 16.00 -17.16
CA PHE A 117 1.42 14.81 -17.96
C PHE A 117 0.76 14.88 -19.32
N LEU A 118 -0.50 15.28 -19.32
CA LEU A 118 -1.30 15.31 -20.54
C LEU A 118 -0.72 16.31 -21.55
N ALA A 119 -0.25 17.46 -21.06
CA ALA A 119 0.37 18.47 -21.91
C ALA A 119 1.66 17.96 -22.54
N ILE A 120 2.46 17.25 -21.75
CA ILE A 120 3.73 16.70 -22.22
C ILE A 120 3.51 15.55 -23.17
N ALA A 121 2.57 14.68 -22.83
CA ALA A 121 2.21 13.55 -23.68
C ALA A 121 1.80 14.01 -25.08
N LYS A 122 1.10 15.14 -25.15
CA LYS A 122 0.69 15.72 -26.42
C LYS A 122 1.88 16.24 -27.22
N ALA A 123 2.85 16.82 -26.51
CA ALA A 123 4.08 17.33 -27.14
C ALA A 123 4.92 16.18 -27.67
N GLU A 125 3.99 13.32 -28.52
CA GLU A 125 3.26 12.69 -29.62
C GLU A 125 3.71 13.20 -30.99
N GLU A 126 4.06 14.49 -31.06
CA GLU A 126 4.51 15.10 -32.32
C GLU A 126 5.99 14.80 -32.60
N VAL A 128 7.72 11.97 -31.33
CA VAL A 128 7.90 10.53 -31.52
C VAL A 128 6.63 9.90 -32.09
N GLU A 129 6.76 9.28 -33.27
CA GLU A 129 5.59 8.70 -33.95
C GLU A 129 5.19 7.33 -33.40
N ASP A 130 6.17 6.52 -33.01
CA ASP A 130 5.87 5.18 -32.48
C ASP A 130 5.15 5.24 -31.14
N SER A 131 3.98 4.60 -31.07
CA SER A 131 3.13 4.63 -29.89
C SER A 131 3.84 4.14 -28.64
N VAL A 132 4.60 3.05 -28.80
CA VAL A 132 5.29 2.44 -27.68
C VAL A 132 6.47 3.32 -27.22
N ASP A 133 7.25 3.83 -28.17
CA ASP A 133 8.38 4.70 -27.82
C ASP A 133 7.85 5.98 -27.18
N CYS A 134 6.81 6.54 -27.78
CA CYS A 134 6.22 7.78 -27.28
C CYS A 134 5.81 7.65 -25.82
N TYR A 135 5.10 6.58 -25.49
CA TYR A 135 4.67 6.33 -24.12
C TYR A 135 5.84 6.16 -23.16
N TRP A 136 6.75 5.27 -23.52
CA TRP A 136 7.89 4.96 -22.67
C TRP A 136 8.80 6.16 -22.46
N ILE A 137 8.98 6.98 -23.49
CA ILE A 137 9.76 8.19 -23.33
C ILE A 137 9.03 9.19 -22.44
N THR A 138 7.73 9.40 -22.71
CA THR A 138 6.92 10.30 -21.88
C THR A 138 6.98 9.86 -20.41
N ARG A 139 6.72 8.59 -20.18
CA ARG A 139 6.84 7.98 -18.85
C ARG A 139 8.11 8.38 -18.14
N ARG A 140 9.25 8.00 -18.72
CA ARG A 140 10.54 8.15 -18.05
C ARG A 140 10.93 9.62 -17.98
N PHE A 141 10.50 10.41 -18.95
CA PHE A 141 10.76 11.85 -18.96
C PHE A 141 10.06 12.53 -17.79
N VAL A 142 8.79 12.17 -17.57
CA VAL A 142 7.99 12.73 -16.49
C VAL A 142 8.42 12.17 -15.14
N ASN A 143 8.73 10.88 -15.10
CA ASN A 143 9.26 10.26 -13.89
C ASN A 143 10.56 10.92 -13.42
N GLN A 144 11.36 11.37 -14.39
CA GLN A 144 12.62 12.05 -14.11
C GLN A 144 12.39 13.37 -13.36
N LEU A 145 11.32 14.08 -13.74
CA LEU A 145 10.97 15.35 -13.10
C LEU A 145 10.58 15.17 -11.64
N ASN A 146 9.95 14.05 -11.32
CA ASN A 146 9.46 13.77 -9.98
C ASN A 146 10.41 12.96 -9.11
N THR A 147 11.62 12.72 -9.59
CA THR A 147 12.62 11.97 -8.84
C THR A 147 13.99 12.66 -8.92
N LYS A 148 14.60 12.62 -10.10
CA LYS A 148 15.92 13.22 -10.32
C LYS A 148 15.90 14.74 -10.15
N TYR A 149 14.75 15.37 -10.42
CA TYR A 149 14.60 16.82 -10.26
C TYR A 149 13.53 17.21 -9.24
N ARG A 150 13.26 16.35 -8.26
CA ARG A 150 12.22 16.65 -7.27
C ARG A 150 12.55 17.92 -6.48
N ASP A 151 13.83 18.08 -6.15
CA ASP A 151 14.29 19.22 -5.34
C ASP A 151 14.83 20.40 -6.16
N SER A 152 15.05 20.19 -7.45
CA SER A 152 15.63 21.22 -8.31
C SER A 152 14.57 22.14 -8.91
N LEU A 153 13.50 21.56 -9.43
CA LEU A 153 12.45 22.30 -10.14
C LEU A 153 11.80 23.41 -9.31
N PRO A 154 11.52 23.16 -8.03
CA PRO A 154 10.89 24.20 -7.22
C PRO A 154 11.77 25.43 -6.99
N GLN A 155 13.09 25.28 -7.15
CA GLN A 155 14.01 26.39 -6.97
C GLN A 155 14.28 27.20 -8.25
N LEU A 156 13.68 26.81 -9.37
CA LEU A 156 13.90 27.50 -10.63
C LEU A 156 13.29 28.91 -10.68
N PRO A 157 12.08 29.10 -10.14
CA PRO A 157 11.50 30.45 -10.10
C PRO A 157 12.40 31.48 -9.43
N LYS A 158 13.05 31.09 -8.33
CA LYS A 158 14.03 31.95 -7.66
C LYS A 158 15.22 32.25 -8.58
N ALA A 159 15.69 31.22 -9.28
CA ALA A 159 16.81 31.35 -10.22
C ALA A 159 16.43 32.18 -11.45
N PHE A 160 15.18 32.08 -11.88
CA PHE A 160 14.71 32.84 -13.03
C PHE A 160 14.88 34.34 -12.82
N GLU A 161 14.63 34.79 -11.60
CA GLU A 161 14.80 36.20 -11.26
C GLU A 161 16.27 36.54 -11.22
N GLN A 162 17.02 35.77 -10.45
CA GLN A 162 18.46 35.93 -10.33
C GLN A 162 19.19 36.05 -11.67
N TYR A 163 18.84 35.18 -12.62
CA TYR A 163 19.48 35.18 -13.95
C TYR A 163 18.93 36.24 -14.90
N LEU A 164 17.66 36.60 -14.74
CA LEU A 164 17.10 37.72 -15.50
C LEU A 164 17.75 39.02 -15.05
N ASN A 165 17.97 39.14 -13.74
CA ASN A 165 18.67 40.29 -13.18
C ASN A 165 20.04 40.45 -13.81
N LEU A 166 20.73 39.33 -14.01
CA LEU A 166 22.07 39.33 -14.59
C LEU A 166 22.11 39.66 -16.09
N GLU A 167 20.99 39.52 -16.78
CA GLU A 167 20.92 39.85 -18.20
C GLU A 167 20.19 41.16 -18.50
N ASP A 168 19.17 41.50 -17.71
CA ASP A 168 18.42 42.73 -17.91
C ASP A 168 17.62 43.11 -16.65
N GLY A 169 18.27 43.84 -15.75
CA GLY A 169 17.66 44.24 -14.49
C GLY A 169 16.49 45.19 -14.63
N ARG A 170 16.50 46.02 -15.68
CA ARG A 170 15.42 46.98 -15.91
C ARG A 170 14.13 46.29 -16.27
N LEU A 171 14.25 45.18 -16.99
CA LEU A 171 13.09 44.39 -17.34
C LEU A 171 12.52 43.72 -16.09
N LEU A 172 13.41 43.17 -15.27
CA LEU A 172 13.03 42.64 -13.96
C LEU A 172 12.35 43.71 -13.11
N THR A 173 12.90 44.92 -13.15
CA THR A 173 12.32 46.05 -12.44
C THR A 173 10.90 46.29 -12.91
N HIS A 174 10.70 46.37 -14.22
CA HIS A 174 9.37 46.58 -14.79
C HIS A 174 8.36 45.51 -14.36
N LEU A 175 8.80 44.26 -14.31
CA LEU A 175 7.95 43.19 -13.84
C LEU A 175 7.55 43.41 -12.40
N ARG A 176 8.52 43.76 -11.57
CA ARG A 176 8.26 44.04 -10.16
C ARG A 176 7.42 45.30 -9.93
N CYS A 178 4.92 46.16 -11.83
CA CYS A 178 3.54 45.77 -12.06
C CYS A 178 3.11 44.63 -11.13
N SER A 179 3.93 44.33 -10.13
CA SER A 179 3.73 43.14 -9.28
C SER A 179 3.41 41.90 -10.13
N ALA A 180 4.13 41.74 -11.23
CA ALA A 180 3.92 40.65 -12.19
C ALA A 180 4.85 39.47 -11.96
N ALA A 181 5.94 39.71 -11.23
CA ALA A 181 6.93 38.68 -10.94
C ALA A 181 6.37 37.41 -10.28
N PRO A 182 5.54 37.56 -9.23
CA PRO A 182 4.95 36.38 -8.59
C PRO A 182 3.91 35.63 -9.43
N LYS A 183 3.28 36.31 -10.38
CA LYS A 183 2.20 35.72 -11.19
C LYS A 183 2.61 35.21 -12.57
N LEU A 184 3.92 35.08 -12.82
CA LEU A 184 4.41 34.49 -14.07
C LEU A 184 4.01 33.01 -14.16
N PRO A 185 3.80 32.50 -15.39
CA PRO A 185 3.39 31.11 -15.56
C PRO A 185 4.54 30.14 -15.32
N TYR A 186 4.95 30.04 -14.05
CA TYR A 186 6.08 29.21 -13.68
C TYR A 186 5.77 27.73 -13.89
N ASP A 187 4.51 27.35 -13.66
CA ASP A 187 4.09 25.96 -13.86
C ASP A 187 4.15 25.54 -15.33
N LEU A 188 3.87 26.47 -16.24
CA LEU A 188 4.01 26.19 -17.67
C LEU A 188 5.47 25.97 -18.06
N TRP A 189 6.37 26.70 -17.42
CA TRP A 189 7.78 26.62 -17.75
C TRP A 189 8.51 25.50 -17.01
N PHE A 190 8.19 25.31 -15.74
CA PHE A 190 9.00 24.44 -14.87
C PHE A 190 8.33 23.16 -14.36
N LYS A 191 7.04 22.97 -14.66
CA LYS A 191 6.39 21.68 -14.44
C LYS A 191 6.11 21.00 -15.78
N ARG A 192 5.65 21.78 -16.75
CA ARG A 192 5.36 21.27 -18.09
C ARG A 192 6.52 21.41 -19.06
N CYS A 193 7.61 22.05 -18.61
CA CYS A 193 8.81 22.23 -19.45
C CYS A 193 8.48 22.81 -20.82
N PHE A 194 7.64 23.85 -20.82
CA PHE A 194 7.25 24.58 -22.03
C PHE A 194 6.38 23.78 -23.02
N ALA A 195 5.78 22.68 -22.56
CA ALA A 195 4.87 21.92 -23.40
C ALA A 195 3.56 22.68 -23.55
N GLY A 196 3.22 23.02 -24.79
CA GLY A 196 2.06 23.86 -25.09
C GLY A 196 2.43 25.32 -25.24
N CYS A 197 3.70 25.63 -25.00
CA CYS A 197 4.20 26.98 -25.10
C CYS A 197 4.96 27.13 -26.43
N LEU A 198 5.98 26.32 -26.61
CA LEU A 198 6.80 26.35 -27.82
C LEU A 198 6.41 25.22 -28.78
N PRO A 199 6.63 25.44 -30.09
CA PRO A 199 6.36 24.39 -31.08
C PRO A 199 7.37 23.27 -30.94
N GLU A 200 6.95 22.06 -31.28
CA GLU A 200 7.69 20.85 -30.93
C GLU A 200 9.05 20.74 -31.63
N SER A 201 9.15 21.28 -32.84
CA SER A 201 10.41 21.30 -33.59
C SER A 201 11.53 22.00 -32.81
N SER A 202 11.20 23.10 -32.14
CA SER A 202 12.15 23.82 -31.31
C SER A 202 12.26 23.19 -29.94
N LEU A 203 11.12 22.86 -29.35
CA LEU A 203 11.04 22.36 -27.98
C LEU A 203 11.91 21.12 -27.75
N GLN A 204 11.94 20.23 -28.74
CA GLN A 204 12.74 19.01 -28.60
C GLN A 204 14.23 19.30 -28.40
N ARG A 205 14.74 20.38 -29.01
CA ARG A 205 16.14 20.76 -28.82
C ARG A 205 16.42 21.21 -27.38
N VAL A 206 15.38 21.67 -26.69
CA VAL A 206 15.45 21.97 -25.26
C VAL A 206 15.47 20.66 -24.48
N TRP A 207 14.56 19.76 -24.83
CA TRP A 207 14.42 18.50 -24.11
C TRP A 207 15.61 17.56 -24.31
N ASP A 208 16.38 17.78 -25.38
CA ASP A 208 17.70 17.13 -25.52
C ASP A 208 18.51 17.31 -24.23
N LYS A 209 18.51 18.54 -23.72
CA LYS A 209 19.30 18.90 -22.54
C LYS A 209 18.68 18.38 -21.25
N VAL A 210 17.34 18.41 -21.18
CA VAL A 210 16.63 17.96 -20.00
C VAL A 210 16.82 16.46 -19.79
N VAL A 211 16.75 15.69 -20.88
CA VAL A 211 17.00 14.26 -20.83
C VAL A 211 18.45 14.00 -20.39
N SER A 212 19.39 14.73 -20.99
CA SER A 212 20.81 14.51 -20.73
C SER A 212 21.30 15.00 -19.36
N GLY A 213 20.40 15.50 -18.51
CA GLY A 213 20.68 15.67 -17.08
C GLY A 213 20.60 17.07 -16.47
N SER A 214 20.23 18.07 -17.26
CA SER A 214 20.15 19.45 -16.77
C SER A 214 18.75 20.01 -16.89
N CYS A 215 18.16 20.40 -15.75
CA CYS A 215 16.87 21.09 -15.73
C CYS A 215 17.04 22.62 -15.68
N LYS A 216 18.25 23.07 -15.32
CA LYS A 216 18.53 24.52 -15.28
C LYS A 216 18.37 25.19 -16.64
N ILE A 217 18.52 24.43 -17.71
CA ILE A 217 18.28 24.95 -19.07
C ILE A 217 16.92 25.63 -19.18
N LEU A 218 15.91 25.07 -18.52
CA LEU A 218 14.55 25.62 -18.59
C LEU A 218 14.49 27.08 -18.16
N VAL A 219 15.32 27.45 -17.19
CA VAL A 219 15.38 28.83 -16.70
C VAL A 219 15.82 29.77 -17.83
N PHE A 220 16.91 29.40 -18.51
CA PHE A 220 17.48 30.26 -19.55
C PHE A 220 16.62 30.35 -20.80
N VAL A 221 15.78 29.34 -21.01
CA VAL A 221 14.74 29.43 -22.03
C VAL A 221 13.73 30.49 -21.61
N ALA A 222 13.26 30.43 -20.37
CA ALA A 222 12.33 31.40 -19.84
C ALA A 222 12.90 32.81 -19.89
N VAL A 223 14.17 32.93 -19.52
CA VAL A 223 14.85 34.23 -19.55
C VAL A 223 14.88 34.77 -20.97
N GLU A 224 15.29 33.93 -21.91
CA GLU A 224 15.41 34.36 -23.31
C GLU A 224 14.06 34.74 -23.93
N ILE A 225 12.97 34.14 -23.45
CA ILE A 225 11.65 34.53 -23.91
C ILE A 225 11.42 36.01 -23.61
N LEU A 226 11.72 36.42 -22.37
CA LEU A 226 11.51 37.80 -21.98
C LEU A 226 12.45 38.73 -22.72
N LEU A 227 13.73 38.36 -22.82
CA LEU A 227 14.70 39.16 -23.57
C LEU A 227 14.23 39.37 -25.00
N THR A 228 13.83 38.28 -25.65
CA THR A 228 13.35 38.33 -27.03
C THR A 228 12.16 39.29 -27.21
N PHE A 229 11.17 39.19 -26.33
CA PHE A 229 9.97 40.02 -26.40
C PHE A 229 10.01 41.14 -25.38
N LYS A 230 11.16 41.80 -25.28
CA LYS A 230 11.34 42.87 -24.31
C LYS A 230 10.44 44.06 -24.66
N ILE A 231 10.57 44.53 -25.89
CA ILE A 231 9.85 45.73 -26.34
C ILE A 231 8.35 45.56 -26.13
N LYS A 232 7.85 44.37 -26.45
CA LYS A 232 6.44 44.06 -26.31
C LYS A 232 5.99 44.09 -24.83
N VAL A 233 6.82 43.53 -23.96
CA VAL A 233 6.51 43.45 -22.52
C VAL A 233 6.57 44.81 -21.84
N ALA A 235 5.86 47.62 -23.05
CA ALA A 235 4.64 48.35 -23.42
C ALA A 235 3.46 48.05 -22.48
N LEU A 236 3.40 46.84 -21.93
CA LEU A 236 2.34 46.45 -21.01
C LEU A 236 2.58 47.04 -19.63
N ASN A 237 1.54 47.09 -18.80
CA ASN A 237 1.62 47.73 -17.49
C ASN A 237 0.72 47.10 -16.42
N SER A 238 0.48 45.80 -16.55
CA SER A 238 -0.42 45.09 -15.64
C SER A 238 0.00 43.64 -15.54
N ALA A 239 0.06 43.12 -14.32
CA ALA A 239 0.40 41.71 -14.09
C ALA A 239 -0.49 40.76 -14.90
N GLU A 240 -1.77 41.10 -15.03
CA GLU A 240 -2.70 40.26 -15.78
C GLU A 240 -2.43 40.35 -17.29
N LYS A 241 -2.12 41.55 -17.78
CA LYS A 241 -1.80 41.73 -19.20
C LYS A 241 -0.48 41.05 -19.60
N ILE A 242 0.48 41.05 -18.68
CA ILE A 242 1.80 40.44 -18.92
C ILE A 242 1.69 38.93 -19.00
N THR A 243 1.05 38.35 -17.99
CA THR A 243 0.87 36.89 -17.91
C THR A 243 0.08 36.35 -19.10
N LYS A 244 -1.01 37.01 -19.45
CA LYS A 244 -1.82 36.61 -20.61
C LYS A 244 -1.02 36.58 -21.90
N PHE A 245 -0.09 37.52 -22.07
CA PHE A 245 0.82 37.51 -23.21
C PHE A 245 1.75 36.29 -23.18
N LEU A 246 2.37 36.07 -22.03
CA LEU A 246 3.37 35.00 -21.89
C LEU A 246 2.78 33.59 -22.00
N GLU A 247 1.47 33.45 -21.81
CA GLU A 247 0.80 32.16 -21.97
C GLU A 247 0.40 31.87 -23.42
N ASN A 248 0.49 32.89 -24.29
CA ASN A 248 0.20 32.73 -25.73
C ASN A 248 1.20 33.49 -26.60
N ILE A 249 2.47 33.09 -26.55
CA ILE A 249 3.53 33.81 -27.26
C ILE A 249 3.61 33.48 -28.75
N PRO A 250 4.20 34.38 -29.56
CA PRO A 250 4.46 34.13 -31.00
C PRO A 250 5.33 32.90 -31.28
N GLN A 251 4.84 32.05 -32.17
CA GLN A 251 5.46 30.74 -32.44
C GLN A 251 6.64 30.81 -33.43
N ASP A 252 6.70 31.87 -34.23
CA ASP A 252 7.73 31.98 -35.28
C ASP A 252 9.14 32.29 -34.74
N SER A 253 9.21 33.01 -33.63
CA SER A 253 10.50 33.40 -33.05
C SER A 253 11.17 32.29 -32.25
N SER A 254 10.42 31.23 -31.92
CA SER A 254 10.89 30.18 -31.02
C SER A 254 12.15 29.44 -31.45
N ASP A 255 12.42 29.35 -32.76
CA ASP A 255 13.66 28.76 -33.26
C ASP A 255 14.89 29.50 -32.71
N ALA A 256 14.89 30.81 -32.89
CA ALA A 256 15.96 31.66 -32.37
C ALA A 256 16.08 31.55 -30.85
N ILE A 257 14.93 31.65 -30.18
CA ILE A 257 14.87 31.66 -28.71
C ILE A 257 15.62 30.49 -28.09
N VAL A 258 15.38 29.29 -28.60
CA VAL A 258 16.02 28.10 -28.08
C VAL A 258 17.54 28.17 -28.28
N SER A 259 17.97 28.55 -29.48
CA SER A 259 19.39 28.66 -29.79
C SER A 259 20.09 29.64 -28.86
N LYS A 260 19.50 30.82 -28.72
CA LYS A 260 20.04 31.84 -27.83
C LYS A 260 20.04 31.39 -26.37
N ALA A 261 18.97 30.71 -25.96
CA ALA A 261 18.83 30.22 -24.58
C ALA A 261 19.92 29.23 -24.21
N ILE A 262 20.30 28.38 -25.16
CA ILE A 262 21.36 27.40 -24.93
C ILE A 262 22.72 28.09 -24.78
N ASP A 263 23.00 29.07 -25.63
CA ASP A 263 24.22 29.89 -25.52
C ASP A 263 24.27 30.55 -24.15
N LEU A 264 23.13 31.10 -23.74
CA LEU A 264 22.97 31.77 -22.45
C LEU A 264 23.23 30.82 -21.29
N TRP A 265 22.71 29.60 -21.40
CA TRP A 265 22.91 28.56 -20.40
C TRP A 265 24.38 28.14 -20.31
N HIS A 266 25.01 27.92 -21.47
CA HIS A 266 26.43 27.58 -21.53
C HIS A 266 27.31 28.67 -20.94
N LYS A 267 26.90 29.93 -21.15
CA LYS A 267 27.66 31.07 -20.67
C LYS A 267 27.69 31.11 -19.15
N HIS A 268 26.53 30.97 -18.52
CA HIS A 268 26.41 31.10 -17.08
C HIS A 268 26.79 29.84 -16.30
N CYS A 269 26.72 28.67 -16.95
CA CYS A 269 27.01 27.41 -16.27
C CYS A 269 28.25 26.66 -16.79
N GLY A 270 28.87 27.16 -17.86
CA GLY A 270 30.18 26.68 -18.31
C GLY A 270 30.36 25.18 -18.40
N THR A 271 29.53 24.54 -19.24
CA THR A 271 29.51 23.08 -19.38
C THR A 271 30.86 22.56 -19.92
N PRO A 272 31.29 21.36 -19.46
CA PRO A 272 32.55 20.76 -19.97
C PRO A 272 32.58 20.54 -21.48
N GLY B 4 -25.99 -28.16 35.75
CA GLY B 4 -24.71 -28.06 35.00
C GLY B 4 -24.71 -28.88 33.72
N VAL B 5 -25.03 -30.17 33.85
CA VAL B 5 -25.12 -31.07 32.71
C VAL B 5 -26.40 -30.84 31.89
N GLU B 6 -27.47 -30.39 32.56
CA GLU B 6 -28.70 -29.98 31.86
C GLU B 6 -28.38 -28.99 30.74
N GLU B 7 -27.53 -28.02 31.05
CA GLU B 7 -27.12 -26.99 30.09
C GLU B 7 -26.38 -27.60 28.90
N LYS B 8 -25.41 -28.46 29.19
CA LYS B 8 -24.60 -29.12 28.17
C LYS B 8 -25.43 -29.87 27.12
N LYS B 9 -26.54 -30.45 27.53
CA LYS B 9 -27.39 -31.22 26.62
C LYS B 9 -28.14 -30.33 25.64
N SER B 10 -28.58 -29.15 26.10
CA SER B 10 -29.31 -28.21 25.25
C SER B 10 -28.42 -27.61 24.15
N LEU B 11 -27.12 -27.51 24.44
CA LEU B 11 -26.13 -27.12 23.43
C LEU B 11 -25.96 -28.19 22.38
N GLU B 12 -25.79 -29.43 22.84
CA GLU B 12 -25.62 -30.58 21.94
C GLU B 12 -26.75 -30.70 20.92
N ILE B 13 -27.94 -30.22 21.30
CA ILE B 13 -29.05 -30.15 20.37
C ILE B 13 -28.77 -29.17 19.24
N LEU B 14 -28.23 -28.00 19.58
CA LEU B 14 -27.83 -27.01 18.58
C LEU B 14 -26.73 -27.53 17.67
N LEU B 15 -25.78 -28.26 18.24
CA LEU B 15 -24.63 -28.77 17.51
C LEU B 15 -24.97 -29.89 16.52
N LYS B 16 -26.14 -30.52 16.68
CA LYS B 16 -26.55 -31.62 15.79
C LYS B 16 -27.16 -31.14 14.47
N ASP B 17 -27.48 -29.86 14.36
CA ASP B 17 -27.96 -29.30 13.10
C ASP B 17 -26.91 -29.47 12.01
N ASP B 18 -27.34 -29.85 10.82
CA ASP B 18 -26.46 -29.91 9.65
C ASP B 18 -25.94 -28.51 9.31
N ARG B 19 -26.77 -27.50 9.57
CA ARG B 19 -26.40 -26.11 9.40
C ARG B 19 -26.56 -25.36 10.72
N LEU B 20 -25.44 -25.00 11.33
CA LEU B 20 -25.42 -24.37 12.65
C LEU B 20 -26.01 -22.96 12.63
N ASP B 21 -26.96 -22.72 13.55
CA ASP B 21 -27.56 -21.42 13.72
C ASP B 21 -26.64 -20.59 14.61
N THR B 22 -25.80 -19.77 13.98
CA THR B 22 -24.82 -18.97 14.69
C THR B 22 -25.48 -18.00 15.69
N GLU B 23 -26.64 -17.48 15.33
CA GLU B 23 -27.45 -16.64 16.20
C GLU B 23 -27.74 -17.31 17.55
N LYS B 24 -28.16 -18.56 17.51
CA LYS B 24 -28.52 -19.31 18.71
C LYS B 24 -27.28 -19.68 19.54
N LEU B 25 -26.17 -19.95 18.87
CA LEU B 25 -24.93 -20.26 19.57
C LEU B 25 -24.41 -19.07 20.37
N CYS B 26 -24.67 -17.86 19.88
CA CYS B 26 -24.34 -16.65 20.63
C CYS B 26 -25.20 -16.56 21.87
N THR B 27 -26.51 -16.50 21.68
CA THR B 27 -27.45 -16.32 22.80
C THR B 27 -27.24 -17.36 23.90
N PHE B 28 -26.83 -18.57 23.50
CA PHE B 28 -26.44 -19.60 24.47
C PHE B 28 -25.16 -19.22 25.21
N SER B 29 -24.12 -18.86 24.45
CA SER B 29 -22.83 -18.50 25.02
C SER B 29 -22.91 -17.26 25.91
N GLN B 30 -23.88 -16.40 25.61
CA GLN B 30 -24.16 -15.23 26.44
C GLN B 30 -24.74 -15.66 27.78
N ARG B 31 -25.77 -16.51 27.75
CA ARG B 31 -26.44 -16.97 28.97
C ARG B 31 -25.60 -17.95 29.77
N PHE B 32 -25.10 -18.99 29.12
CA PHE B 32 -24.46 -20.13 29.80
C PHE B 32 -22.96 -20.26 29.52
N PRO B 33 -22.22 -20.85 30.46
CA PRO B 33 -20.80 -21.15 30.24
C PRO B 33 -20.63 -22.36 29.32
N LEU B 34 -19.57 -22.34 28.52
CA LEU B 34 -19.35 -23.41 27.55
C LEU B 34 -18.70 -24.63 28.22
N PRO B 35 -19.16 -25.84 27.86
CA PRO B 35 -18.46 -27.06 28.24
C PRO B 35 -17.04 -27.08 27.69
N SER B 36 -16.09 -27.60 28.47
CA SER B 36 -14.69 -27.64 28.07
C SER B 36 -14.48 -28.25 26.69
N TYR B 38 -16.52 -28.55 24.12
CA TYR B 38 -17.10 -27.84 22.98
C TYR B 38 -16.63 -26.39 22.82
N ARG B 39 -15.80 -25.90 23.74
CA ARG B 39 -15.37 -24.50 23.68
C ARG B 39 -14.69 -24.18 22.37
N ALA B 40 -13.66 -24.95 22.03
CA ALA B 40 -12.87 -24.71 20.82
C ALA B 40 -13.75 -24.67 19.57
N LEU B 41 -14.64 -25.65 19.46
CA LEU B 41 -15.57 -25.74 18.34
C LEU B 41 -16.44 -24.49 18.21
N VAL B 42 -17.09 -24.13 19.30
CA VAL B 42 -18.03 -23.02 19.30
C VAL B 42 -17.32 -21.70 18.97
N TRP B 43 -16.21 -21.44 19.64
CA TRP B 43 -15.39 -20.27 19.36
C TRP B 43 -15.02 -20.20 17.88
N LYS B 44 -14.61 -21.33 17.31
CA LYS B 44 -14.24 -21.36 15.89
C LYS B 44 -15.42 -21.05 14.97
N VAL B 45 -16.60 -21.56 15.30
CA VAL B 45 -17.79 -21.29 14.50
C VAL B 45 -18.17 -19.82 14.57
N LEU B 46 -18.18 -19.27 15.78
CA LEU B 46 -18.58 -17.88 16.00
C LEU B 46 -17.58 -16.91 15.38
N LEU B 47 -16.30 -17.21 15.49
CA LEU B 47 -15.26 -16.36 14.91
C LEU B 47 -15.14 -16.49 13.38
N GLY B 48 -15.92 -17.36 12.77
CA GLY B 48 -15.92 -17.51 11.32
C GLY B 48 -14.77 -18.36 10.81
N ILE B 49 -14.04 -19.00 11.72
CA ILE B 49 -12.97 -19.91 11.34
C ILE B 49 -13.58 -21.13 10.64
N LEU B 50 -14.71 -21.61 11.18
CA LEU B 50 -15.50 -22.64 10.54
C LEU B 50 -16.84 -22.07 10.11
N PRO B 51 -17.34 -22.51 8.95
CA PRO B 51 -18.65 -22.08 8.50
C PRO B 51 -19.75 -22.81 9.27
N PRO B 52 -21.00 -22.36 9.15
CA PRO B 52 -22.10 -23.02 9.86
C PRO B 52 -22.40 -24.47 9.41
N HIS B 53 -22.08 -24.82 8.16
CA HIS B 53 -22.31 -26.18 7.66
C HIS B 53 -21.17 -27.10 8.09
N HIS B 54 -21.43 -27.99 9.06
CA HIS B 54 -20.35 -28.83 9.60
C HIS B 54 -20.03 -30.06 8.76
N GLU B 55 -20.35 -30.00 7.47
CA GLU B 55 -19.77 -30.91 6.48
C GLU B 55 -18.57 -30.25 5.80
N SER B 56 -18.58 -28.92 5.70
CA SER B 56 -17.45 -28.17 5.14
C SER B 56 -16.28 -28.09 6.11
N HIS B 57 -16.56 -28.21 7.40
CA HIS B 57 -15.56 -28.03 8.45
C HIS B 57 -14.21 -28.66 8.14
N ALA B 58 -14.22 -29.92 7.74
CA ALA B 58 -13.00 -30.65 7.45
C ALA B 58 -12.24 -30.03 6.28
N LYS B 59 -12.98 -29.75 5.22
CA LYS B 59 -12.42 -29.16 4.00
C LYS B 59 -11.87 -27.74 4.25
N VAL B 60 -12.55 -26.97 5.09
CA VAL B 60 -12.11 -25.60 5.39
C VAL B 60 -10.86 -25.63 6.25
N TYR B 63 -7.72 -25.79 4.44
CA TYR B 63 -7.21 -24.51 3.93
C TYR B 63 -6.47 -23.74 5.03
N ARG B 64 -7.08 -23.70 6.21
CA ARG B 64 -6.51 -23.00 7.37
C ARG B 64 -5.17 -23.64 7.77
N LYS B 65 -5.09 -24.95 7.62
CA LYS B 65 -3.87 -25.71 7.87
C LYS B 65 -2.74 -25.32 6.89
N GLU B 66 -3.07 -25.32 5.60
CA GLU B 66 -2.10 -24.98 4.55
C GLU B 66 -1.59 -23.56 4.74
N GLN B 67 -2.51 -22.66 4.99
CA GLN B 67 -2.21 -21.27 5.30
C GLN B 67 -1.25 -21.15 6.49
N TYR B 68 -1.53 -21.89 7.56
CA TYR B 68 -0.66 -21.90 8.74
C TYR B 68 0.76 -22.30 8.36
N LEU B 69 0.88 -23.36 7.59
CA LEU B 69 2.19 -23.91 7.23
C LEU B 69 2.94 -22.99 6.28
N ASP B 70 2.23 -22.49 5.26
CA ASP B 70 2.80 -21.55 4.29
C ASP B 70 3.46 -20.40 5.02
N VAL B 71 2.67 -19.74 5.85
CA VAL B 71 3.13 -18.56 6.57
C VAL B 71 4.30 -18.92 7.46
N LEU B 72 4.12 -19.92 8.31
CA LEU B 72 5.17 -20.35 9.22
C LEU B 72 6.47 -20.61 8.47
N HIS B 73 6.38 -21.41 7.40
CA HIS B 73 7.55 -21.72 6.59
C HIS B 73 8.24 -20.46 6.06
N ALA B 74 7.44 -19.52 5.58
CA ALA B 74 7.97 -18.25 5.07
C ALA B 74 8.82 -17.53 6.09
N LEU B 75 8.41 -17.57 7.35
CA LEU B 75 9.17 -16.93 8.43
C LEU B 75 10.53 -17.61 8.67
N LYS B 76 10.57 -18.93 8.46
CA LYS B 76 11.81 -19.68 8.60
C LYS B 76 12.76 -19.39 7.44
N VAL B 77 12.20 -19.14 6.27
CA VAL B 77 12.99 -18.76 5.09
C VAL B 77 13.73 -17.45 5.35
N VAL B 78 13.00 -16.48 5.87
CA VAL B 78 13.52 -15.14 6.13
C VAL B 78 14.20 -15.01 7.51
N ARG B 79 14.49 -16.15 8.13
CA ARG B 79 15.21 -16.20 9.43
C ARG B 79 14.57 -15.37 10.53
N PHE B 80 13.25 -15.27 10.52
CA PHE B 80 12.55 -14.47 11.51
C PHE B 80 12.24 -15.30 12.76
N VAL B 81 12.13 -16.62 12.57
CA VAL B 81 11.88 -17.55 13.68
C VAL B 81 12.68 -18.83 13.51
N SER B 82 13.04 -19.44 14.64
CA SER B 82 13.69 -20.75 14.66
C SER B 82 12.98 -21.63 15.69
N ASP B 83 13.51 -22.83 15.92
CA ASP B 83 12.92 -23.74 16.92
C ASP B 83 13.07 -23.21 18.35
N ALA B 84 14.05 -22.32 18.56
CA ALA B 84 14.27 -21.66 19.84
C ALA B 84 13.19 -20.61 20.20
N THR B 85 12.48 -20.11 19.20
CA THR B 85 11.50 -19.04 19.41
C THR B 85 10.26 -19.60 20.14
N PRO B 86 9.78 -18.88 21.19
CA PRO B 86 8.54 -19.27 21.85
C PRO B 86 7.34 -19.27 20.90
N GLN B 87 6.36 -20.11 21.19
CA GLN B 87 5.20 -20.26 20.31
C GLN B 87 4.35 -18.99 20.22
N ALA B 88 4.25 -18.25 21.33
CA ALA B 88 3.52 -16.98 21.33
C ALA B 88 4.18 -15.95 20.42
N GLU B 89 5.51 -15.95 20.40
CA GLU B 89 6.27 -15.09 19.50
C GLU B 89 6.09 -15.49 18.03
N VAL B 90 6.03 -16.79 17.78
CA VAL B 90 5.75 -17.28 16.44
C VAL B 90 4.39 -16.76 15.98
N TYR B 91 3.36 -16.98 16.78
CA TYR B 91 2.03 -16.51 16.43
C TYR B 91 2.03 -15.02 16.11
N LEU B 92 2.76 -14.25 16.91
CA LEU B 92 2.90 -12.82 16.66
C LEU B 92 3.46 -12.57 15.27
N ARG B 93 4.60 -13.19 14.97
CA ARG B 93 5.24 -12.99 13.67
C ARG B 93 4.34 -13.39 12.52
N TYR B 95 1.02 -13.38 12.60
CA TYR B 95 -0.02 -12.34 12.57
C TYR B 95 0.49 -11.09 11.88
N GLN B 96 1.73 -10.71 12.17
CA GLN B 96 2.34 -9.53 11.53
C GLN B 96 2.48 -9.71 10.03
N LEU B 97 2.95 -10.88 9.61
CA LEU B 97 3.07 -11.20 8.19
C LEU B 97 1.72 -11.15 7.49
N GLU B 98 0.72 -11.82 8.08
CA GLU B 98 -0.62 -11.87 7.50
C GLU B 98 -1.26 -10.49 7.38
N SER B 99 -1.02 -9.62 8.35
CA SER B 99 -1.54 -8.24 8.32
C SER B 99 -0.54 -7.23 7.76
N GLY B 100 0.59 -7.71 7.25
CA GLY B 100 1.53 -6.90 6.48
C GLY B 100 2.30 -5.85 7.27
N LYS B 101 2.68 -6.20 8.50
CA LYS B 101 3.39 -5.28 9.37
C LYS B 101 4.56 -6.00 10.03
N LEU B 102 5.28 -6.79 9.23
CA LEU B 102 6.46 -7.47 9.71
C LEU B 102 7.60 -6.45 9.73
N PRO B 103 8.26 -6.26 10.90
CA PRO B 103 9.42 -5.35 10.93
C PRO B 103 10.65 -5.90 10.17
N ARG B 104 11.76 -5.18 10.21
CA ARG B 104 12.98 -5.56 9.47
C ARG B 104 13.70 -6.71 10.17
N SER B 105 13.84 -6.64 11.49
CA SER B 105 14.55 -7.69 12.23
C SER B 105 13.80 -8.11 13.49
N PRO B 106 14.02 -9.36 13.95
CA PRO B 106 13.53 -9.83 15.24
C PRO B 106 14.03 -8.98 16.42
N SER B 107 15.24 -8.45 16.31
CA SER B 107 15.84 -7.62 17.34
C SER B 107 15.10 -6.28 17.55
N PHE B 108 14.45 -5.79 16.50
CA PHE B 108 13.69 -4.53 16.56
C PHE B 108 12.66 -4.59 17.69
N PRO B 109 12.56 -3.52 18.52
CA PRO B 109 11.68 -3.58 19.70
C PRO B 109 10.19 -3.74 19.37
N LEU B 110 9.44 -4.31 20.30
CA LEU B 110 8.02 -4.60 20.12
C LEU B 110 7.20 -3.38 20.53
N GLU B 111 6.29 -2.96 19.65
CA GLU B 111 5.43 -1.80 19.91
C GLU B 111 4.21 -2.20 20.77
N PRO B 112 3.55 -1.21 21.42
CA PRO B 112 2.44 -1.49 22.35
C PRO B 112 1.43 -2.53 21.89
N ASP B 113 0.96 -2.41 20.65
CA ASP B 113 -0.03 -3.35 20.09
C ASP B 113 0.50 -4.78 20.03
N ASP B 114 1.78 -4.93 19.72
CA ASP B 114 2.40 -6.25 19.61
C ASP B 114 2.41 -6.96 20.95
N GLU B 115 2.61 -6.20 22.03
CA GLU B 115 2.71 -6.79 23.37
C GLU B 115 1.33 -7.17 23.91
N VAL B 116 0.29 -6.55 23.38
CA VAL B 116 -1.09 -6.94 23.68
C VAL B 116 -1.37 -8.31 23.07
N PHE B 117 -1.07 -8.44 21.79
CA PHE B 117 -1.22 -9.72 21.09
C PHE B 117 -0.47 -10.83 21.81
N LEU B 118 0.76 -10.53 22.21
CA LEU B 118 1.64 -11.52 22.82
C LEU B 118 1.06 -12.01 24.15
N ALA B 119 0.46 -11.11 24.92
CA ALA B 119 -0.17 -11.46 26.18
C ALA B 119 -1.37 -12.38 25.97
N ILE B 120 -2.17 -12.07 24.94
CA ILE B 120 -3.37 -12.86 24.62
C ILE B 120 -2.97 -14.21 24.03
N ALA B 121 -1.98 -14.21 23.14
CA ALA B 121 -1.48 -15.44 22.55
C ALA B 121 -1.00 -16.43 23.62
N LYS B 122 -0.39 -15.91 24.68
CA LYS B 122 0.06 -16.75 25.80
C LYS B 122 -1.11 -17.35 26.56
N ALA B 123 -2.17 -16.55 26.72
CA ALA B 123 -3.37 -17.00 27.40
C ALA B 123 -4.09 -18.07 26.59
N GLU B 125 -2.88 -20.02 24.46
CA GLU B 125 -2.04 -21.21 24.43
C GLU B 125 -2.41 -22.24 25.49
N GLU B 126 -2.85 -21.77 26.66
CA GLU B 126 -3.25 -22.65 27.76
C GLU B 126 -4.66 -23.19 27.56
N VAL B 128 -6.27 -23.49 24.39
CA VAL B 128 -6.33 -24.32 23.18
C VAL B 128 -4.99 -24.99 22.93
N GLU B 129 -4.98 -26.32 22.91
CA GLU B 129 -3.74 -27.10 22.75
C GLU B 129 -3.27 -27.19 21.30
N ASP B 130 -4.20 -27.29 20.35
CA ASP B 130 -3.84 -27.38 18.93
C ASP B 130 -3.21 -26.09 18.42
N SER B 131 -2.01 -26.21 17.86
CA SER B 131 -1.25 -25.04 17.38
C SER B 131 -2.01 -24.22 16.34
N VAL B 132 -2.66 -24.91 15.41
CA VAL B 132 -3.38 -24.24 14.33
C VAL B 132 -4.63 -23.56 14.86
N ASP B 133 -5.39 -24.25 15.71
CA ASP B 133 -6.60 -23.67 16.30
C ASP B 133 -6.22 -22.49 17.17
N CYS B 134 -5.19 -22.67 17.99
CA CYS B 134 -4.74 -21.61 18.89
C CYS B 134 -4.42 -20.32 18.12
N TYR B 135 -3.65 -20.45 17.04
CA TYR B 135 -3.30 -19.30 16.21
C TYR B 135 -4.51 -18.63 15.59
N TRP B 136 -5.33 -19.44 14.92
CA TRP B 136 -6.50 -18.93 14.23
C TRP B 136 -7.51 -18.30 15.17
N ILE B 137 -7.69 -18.87 16.36
CA ILE B 137 -8.57 -18.27 17.34
C ILE B 137 -7.98 -16.96 17.87
N THR B 138 -6.70 -16.97 18.23
CA THR B 138 -6.02 -15.75 18.66
C THR B 138 -6.16 -14.65 17.60
N ARG B 139 -5.81 -14.98 16.37
CA ARG B 139 -5.97 -14.08 15.23
C ARG B 139 -7.32 -13.40 15.20
N ARG B 140 -8.37 -14.19 15.11
CA ARG B 140 -9.71 -13.67 14.89
C ARG B 140 -10.24 -12.99 16.15
N PHE B 141 -9.81 -13.46 17.32
CA PHE B 141 -10.19 -12.86 18.60
C PHE B 141 -9.64 -11.44 18.70
N VAL B 142 -8.38 -11.28 18.31
CA VAL B 142 -7.70 -9.99 18.36
C VAL B 142 -8.20 -9.09 17.23
N ASN B 143 -8.42 -9.66 16.05
CA ASN B 143 -9.00 -8.92 14.93
C ASN B 143 -10.38 -8.37 15.26
N GLN B 144 -11.14 -9.11 16.07
CA GLN B 144 -12.47 -8.69 16.50
C GLN B 144 -12.40 -7.41 17.34
N LEU B 145 -11.37 -7.31 18.18
CA LEU B 145 -11.18 -6.15 19.05
C LEU B 145 -10.91 -4.88 18.25
N ASN B 146 -10.22 -5.03 17.13
CA ASN B 146 -9.81 -3.91 16.29
C ASN B 146 -10.77 -3.61 15.13
N THR B 147 -11.92 -4.29 15.09
CA THR B 147 -12.92 -4.06 14.04
C THR B 147 -14.32 -3.99 14.65
N LYS B 148 -14.83 -5.11 15.13
CA LYS B 148 -16.17 -5.18 15.71
C LYS B 148 -16.29 -4.35 17.00
N TYR B 149 -15.18 -4.19 17.72
CA TYR B 149 -15.16 -3.38 18.95
C TYR B 149 -14.21 -2.19 18.86
N ARG B 150 -13.96 -1.67 17.66
CA ARG B 150 -13.05 -0.54 17.51
C ARG B 150 -13.56 0.69 18.26
N ASP B 151 -14.87 0.90 18.24
CA ASP B 151 -15.49 2.08 18.86
C ASP B 151 -16.05 1.81 20.26
N SER B 152 -16.12 0.55 20.67
CA SER B 152 -16.69 0.18 21.97
C SER B 152 -15.66 0.17 23.09
N LEU B 153 -14.50 -0.44 22.84
CA LEU B 153 -13.47 -0.61 23.86
C LEU B 153 -12.97 0.70 24.48
N PRO B 154 -12.78 1.74 23.66
CA PRO B 154 -12.28 2.98 24.25
C PRO B 154 -13.26 3.64 25.22
N GLN B 155 -14.54 3.29 25.12
CA GLN B 155 -15.56 3.86 26.00
C GLN B 155 -15.78 3.08 27.29
N LEU B 156 -15.05 1.98 27.47
CA LEU B 156 -15.21 1.16 28.67
C LEU B 156 -14.70 1.82 29.96
N PRO B 157 -13.54 2.51 29.90
CA PRO B 157 -13.06 3.21 31.10
C PRO B 157 -14.11 4.17 31.68
N LYS B 158 -14.80 4.90 30.80
CA LYS B 158 -15.89 5.79 31.22
C LYS B 158 -17.01 5.00 31.88
N ALA B 159 -17.37 3.87 31.28
CA ALA B 159 -18.40 2.98 31.82
C ALA B 159 -17.98 2.30 33.13
N PHE B 160 -16.69 2.00 33.27
CA PHE B 160 -16.18 1.38 34.48
C PHE B 160 -16.46 2.23 35.71
N GLU B 161 -16.34 3.54 35.55
CA GLU B 161 -16.62 4.47 36.63
C GLU B 161 -18.11 4.50 36.89
N GLN B 162 -18.86 4.75 35.83
CA GLN B 162 -20.32 4.76 35.88
C GLN B 162 -20.92 3.57 36.62
N TYR B 163 -20.45 2.37 36.28
CA TYR B 163 -21.01 1.15 36.87
C TYR B 163 -20.45 0.85 38.26
N LEU B 164 -19.23 1.28 38.54
CA LEU B 164 -18.68 1.18 39.88
C LEU B 164 -19.44 2.12 40.80
N ASN B 165 -19.77 3.31 40.30
CA ASN B 165 -20.59 4.26 41.04
C ASN B 165 -21.92 3.64 41.44
N LEU B 166 -22.52 2.88 40.53
CA LEU B 166 -23.81 2.24 40.77
C LEU B 166 -23.75 1.07 41.76
N GLU B 167 -22.57 0.50 41.97
CA GLU B 167 -22.42 -0.61 42.91
C GLU B 167 -21.78 -0.19 44.23
N ASP B 168 -20.86 0.77 44.18
CA ASP B 168 -20.18 1.24 45.39
C ASP B 168 -19.50 2.60 45.17
N GLY B 169 -20.25 3.67 45.38
CA GLY B 169 -19.77 5.02 45.16
C GLY B 169 -18.67 5.46 46.10
N ARG B 170 -18.67 4.93 47.33
CA ARG B 170 -17.66 5.29 48.33
C ARG B 170 -16.30 4.74 47.94
N LEU B 171 -16.28 3.58 47.29
CA LEU B 171 -15.04 3.01 46.77
C LEU B 171 -14.51 3.85 45.61
N LEU B 172 -15.40 4.25 44.71
CA LEU B 172 -15.07 5.19 43.65
C LEU B 172 -14.53 6.49 44.22
N THR B 173 -15.17 6.98 45.29
CA THR B 173 -14.71 8.19 45.96
C THR B 173 -13.29 8.01 46.44
N HIS B 174 -13.01 6.90 47.14
CA HIS B 174 -11.68 6.63 47.67
C HIS B 174 -10.63 6.60 46.56
N LEU B 175 -10.97 6.04 45.41
CA LEU B 175 -10.07 6.01 44.27
C LEU B 175 -9.77 7.42 43.80
N ARG B 176 -10.81 8.23 43.66
CA ARG B 176 -10.67 9.64 43.25
C ARG B 176 -9.96 10.49 44.29
N CYS B 178 -7.45 9.45 46.13
CA CYS B 178 -6.02 9.17 45.95
C CYS B 178 -5.53 9.51 44.55
N SER B 179 -6.37 10.20 43.76
CA SER B 179 -6.11 10.42 42.33
C SER B 179 -5.64 9.12 41.64
N ALA B 180 -6.31 8.00 41.98
CA ALA B 180 -5.96 6.68 41.46
C ALA B 180 -6.84 6.26 40.28
N ALA B 181 -7.98 6.91 40.09
CA ALA B 181 -8.91 6.61 39.00
C ALA B 181 -8.29 6.68 37.60
N PRO B 182 -7.53 7.75 37.29
CA PRO B 182 -6.92 7.84 35.96
C PRO B 182 -5.79 6.84 35.72
N LYS B 183 -5.15 6.37 36.80
CA LYS B 183 -3.97 5.52 36.69
C LYS B 183 -4.28 4.02 36.76
N LEU B 184 -5.56 3.63 36.74
CA LEU B 184 -5.92 2.22 36.77
C LEU B 184 -5.45 1.52 35.51
N PRO B 185 -5.10 0.22 35.63
CA PRO B 185 -4.59 -0.50 34.47
C PRO B 185 -5.70 -0.82 33.46
N TYR B 186 -6.20 0.21 32.78
CA TYR B 186 -7.28 0.06 31.83
C TYR B 186 -6.85 -0.76 30.61
N ASP B 187 -5.61 -0.58 30.20
CA ASP B 187 -5.06 -1.34 29.07
C ASP B 187 -4.97 -2.83 29.36
N LEU B 188 -4.68 -3.20 30.61
CA LEU B 188 -4.68 -4.60 31.00
C LEU B 188 -6.09 -5.20 30.94
N TRP B 189 -7.10 -4.40 31.28
CA TRP B 189 -8.47 -4.87 31.30
C TRP B 189 -9.18 -4.79 29.97
N PHE B 190 -8.96 -3.72 29.22
CA PHE B 190 -9.77 -3.43 28.02
C PHE B 190 -9.04 -3.49 26.67
N LYS B 191 -7.73 -3.70 26.68
CA LYS B 191 -7.02 -4.03 25.44
C LYS B 191 -6.57 -5.48 25.45
N ARG B 192 -6.09 -5.95 26.61
CA ARG B 192 -5.64 -7.33 26.76
C ARG B 192 -6.74 -8.24 27.31
N CYS B 193 -7.89 -7.66 27.65
CA CYS B 193 -9.03 -8.44 28.13
C CYS B 193 -8.64 -9.36 29.28
N PHE B 194 -7.89 -8.82 30.23
CA PHE B 194 -7.45 -9.53 31.44
C PHE B 194 -6.44 -10.67 31.20
N ALA B 195 -5.80 -10.70 30.03
CA ALA B 195 -4.77 -11.69 29.76
C ALA B 195 -3.50 -11.35 30.53
N GLY B 196 -3.09 -12.26 31.41
CA GLY B 196 -1.97 -12.03 32.32
C GLY B 196 -2.43 -11.54 33.68
N CYS B 197 -3.74 -11.31 33.83
CA CYS B 197 -4.33 -10.86 35.07
C CYS B 197 -4.98 -12.04 35.78
N LEU B 198 -5.93 -12.68 35.10
CA LEU B 198 -6.65 -13.81 35.65
C LEU B 198 -6.10 -15.13 35.10
N PRO B 199 -6.23 -16.22 35.88
CA PRO B 199 -5.82 -17.54 35.39
C PRO B 199 -6.76 -18.02 34.29
N GLU B 200 -6.22 -18.82 33.39
CA GLU B 200 -6.92 -19.13 32.13
C GLU B 200 -8.19 -19.95 32.31
N SER B 201 -8.23 -20.79 33.34
CA SER B 201 -9.42 -21.57 33.66
C SER B 201 -10.65 -20.69 33.90
N SER B 202 -10.45 -19.57 34.58
CA SER B 202 -11.51 -18.61 34.83
C SER B 202 -11.70 -17.68 33.63
N LEU B 203 -10.58 -17.19 33.10
CA LEU B 203 -10.58 -16.18 32.05
C LEU B 203 -11.36 -16.62 30.82
N GLN B 204 -11.26 -17.90 30.46
CA GLN B 204 -11.95 -18.41 29.28
C GLN B 204 -13.47 -18.26 29.41
N ARG B 205 -14.01 -18.38 30.62
CA ARG B 205 -15.45 -18.18 30.85
C ARG B 205 -15.88 -16.74 30.60
N VAL B 206 -14.93 -15.81 30.72
CA VAL B 206 -15.14 -14.41 30.34
C VAL B 206 -15.12 -14.29 28.82
N TRP B 207 -14.12 -14.91 28.19
CA TRP B 207 -13.96 -14.82 26.75
C TRP B 207 -15.05 -15.55 25.98
N ASP B 208 -15.75 -16.47 26.62
CA ASP B 208 -16.99 -17.03 26.08
C ASP B 208 -17.92 -15.90 25.63
N LYS B 209 -18.06 -14.89 26.50
CA LYS B 209 -18.97 -13.78 26.27
C LYS B 209 -18.41 -12.79 25.25
N VAL B 210 -17.11 -12.59 25.27
CA VAL B 210 -16.45 -11.65 24.34
C VAL B 210 -16.55 -12.15 22.91
N VAL B 211 -16.32 -13.45 22.72
CA VAL B 211 -16.46 -14.07 21.42
C VAL B 211 -17.92 -13.94 20.96
N SER B 212 -18.85 -14.26 21.85
CA SER B 212 -20.28 -14.28 21.50
C SER B 212 -20.93 -12.90 21.29
N GLY B 213 -20.13 -11.83 21.38
CA GLY B 213 -20.55 -10.52 20.87
C GLY B 213 -20.65 -9.35 21.85
N SER B 214 -20.28 -9.57 23.11
CA SER B 214 -20.36 -8.51 24.13
C SER B 214 -18.99 -8.21 24.72
N CYS B 215 -18.52 -6.99 24.56
CA CYS B 215 -17.30 -6.52 25.22
C CYS B 215 -17.58 -5.81 26.55
N LYS B 216 -18.85 -5.42 26.77
CA LYS B 216 -19.24 -4.77 28.03
C LYS B 216 -19.01 -5.64 29.25
N ILE B 217 -19.02 -6.96 29.06
CA ILE B 217 -18.69 -7.88 30.14
C ILE B 217 -17.38 -7.53 30.84
N LEU B 218 -16.39 -7.11 30.06
CA LEU B 218 -15.07 -6.79 30.61
C LEU B 218 -15.14 -5.73 31.73
N VAL B 219 -16.07 -4.79 31.60
CA VAL B 219 -16.27 -3.76 32.59
C VAL B 219 -16.68 -4.36 33.93
N PHE B 220 -17.68 -5.24 33.89
CA PHE B 220 -18.24 -5.83 35.11
C PHE B 220 -17.28 -6.80 35.78
N VAL B 221 -16.35 -7.37 35.00
CA VAL B 221 -15.25 -8.13 35.57
C VAL B 221 -14.36 -7.17 36.36
N ALA B 222 -13.98 -6.06 35.74
CA ALA B 222 -13.15 -5.05 36.39
C ALA B 222 -13.83 -4.51 37.65
N VAL B 223 -15.13 -4.26 37.56
CA VAL B 223 -15.89 -3.77 38.70
C VAL B 223 -15.85 -4.78 39.84
N GLU B 224 -16.12 -6.04 39.51
CA GLU B 224 -16.16 -7.10 40.51
C GLU B 224 -14.81 -7.35 41.17
N ILE B 225 -13.72 -7.08 40.45
CA ILE B 225 -12.38 -7.17 41.05
C ILE B 225 -12.29 -6.21 42.24
N LEU B 226 -12.71 -4.97 42.04
CA LEU B 226 -12.65 -3.97 43.09
C LEU B 226 -13.62 -4.29 44.24
N LEU B 227 -14.84 -4.67 43.90
CA LEU B 227 -15.81 -5.07 44.93
C LEU B 227 -15.23 -6.21 45.78
N THR B 228 -14.71 -7.23 45.12
CA THR B 228 -14.13 -8.40 45.80
C THR B 228 -13.03 -8.02 46.76
N PHE B 229 -12.11 -7.18 46.30
CA PHE B 229 -10.98 -6.76 47.13
C PHE B 229 -11.19 -5.34 47.67
N LYS B 230 -12.40 -5.06 48.16
CA LYS B 230 -12.74 -3.72 48.67
C LYS B 230 -11.93 -3.40 49.92
N ILE B 231 -12.00 -4.29 50.90
CA ILE B 231 -11.35 -4.09 52.20
C ILE B 231 -9.86 -3.86 52.02
N LYS B 232 -9.24 -4.63 51.13
CA LYS B 232 -7.81 -4.52 50.83
C LYS B 232 -7.48 -3.15 50.22
N VAL B 233 -8.31 -2.69 49.29
CA VAL B 233 -8.11 -1.42 48.57
C VAL B 233 -8.31 -0.21 49.47
N ALA B 235 -7.76 0.06 52.54
CA ALA B 235 -6.58 0.17 53.42
C ALA B 235 -5.45 0.98 52.78
N LEU B 236 -5.33 0.90 51.45
CA LEU B 236 -4.30 1.64 50.72
C LEU B 236 -4.68 3.12 50.62
N ASN B 237 -3.69 3.97 50.34
CA ASN B 237 -3.91 5.41 50.30
C ASN B 237 -3.02 6.15 49.29
N SER B 238 -2.67 5.47 48.20
CA SER B 238 -1.78 6.04 47.20
C SER B 238 -2.07 5.42 45.84
N ALA B 239 -2.17 6.27 44.82
CA ALA B 239 -2.41 5.80 43.45
C ALA B 239 -1.40 4.74 43.03
N GLU B 240 -0.15 4.90 43.44
CA GLU B 240 0.90 3.94 43.09
C GLU B 240 0.72 2.62 43.83
N LYS B 241 0.35 2.69 45.10
CA LYS B 241 0.09 1.48 45.89
C LYS B 241 -1.15 0.70 45.40
N ILE B 242 -2.17 1.42 44.95
CA ILE B 242 -3.40 0.81 44.45
C ILE B 242 -3.18 0.08 43.13
N THR B 243 -2.55 0.79 42.18
CA THR B 243 -2.27 0.24 40.86
C THR B 243 -1.37 -0.99 40.93
N LYS B 244 -0.32 -0.91 41.73
CA LYS B 244 0.61 -2.03 41.91
C LYS B 244 -0.11 -3.27 42.43
N PHE B 245 -1.09 -3.08 43.30
CA PHE B 245 -1.91 -4.19 43.77
C PHE B 245 -2.75 -4.78 42.63
N LEU B 246 -3.44 -3.93 41.89
CA LEU B 246 -4.34 -4.38 40.82
C LEU B 246 -3.64 -5.04 39.63
N GLU B 247 -2.35 -4.81 39.47
CA GLU B 247 -1.58 -5.46 38.41
C GLU B 247 -1.04 -6.83 38.82
N ASN B 248 -1.15 -7.16 40.12
CA ASN B 248 -0.74 -8.48 40.63
C ASN B 248 -1.72 -9.01 41.67
N ILE B 249 -2.95 -9.27 41.25
CA ILE B 249 -4.02 -9.67 42.17
C ILE B 249 -3.94 -11.15 42.55
N PRO B 250 -4.54 -11.52 43.70
CA PRO B 250 -4.66 -12.92 44.12
C PRO B 250 -5.40 -13.82 43.11
N GLN B 251 -4.78 -14.95 42.77
CA GLN B 251 -5.28 -15.83 41.72
C GLN B 251 -6.37 -16.80 42.18
N ASP B 252 -6.46 -17.04 43.49
CA ASP B 252 -7.40 -18.02 44.03
C ASP B 252 -8.86 -17.55 44.03
N SER B 253 -9.08 -16.24 44.17
CA SER B 253 -10.43 -15.68 44.22
C SER B 253 -11.08 -15.53 42.84
N SER B 254 -10.27 -15.63 41.78
CA SER B 254 -10.73 -15.35 40.42
C SER B 254 -11.91 -16.18 39.91
N ASP B 255 -12.06 -17.40 40.42
CA ASP B 255 -13.20 -18.23 40.08
C ASP B 255 -14.52 -17.55 40.45
N ALA B 256 -14.62 -17.13 41.71
CA ALA B 256 -15.79 -16.42 42.21
C ALA B 256 -16.03 -15.13 41.42
N ILE B 257 -14.95 -14.37 41.24
CA ILE B 257 -15.00 -13.06 40.59
C ILE B 257 -15.70 -13.11 39.23
N VAL B 258 -15.33 -14.08 38.40
CA VAL B 258 -15.92 -14.22 37.08
C VAL B 258 -17.42 -14.52 37.20
N SER B 259 -17.77 -15.46 38.07
CA SER B 259 -19.16 -15.85 38.27
C SER B 259 -20.01 -14.66 38.70
N LYS B 260 -19.53 -13.93 39.70
CA LYS B 260 -20.20 -12.73 40.20
C LYS B 260 -20.30 -11.64 39.14
N ALA B 261 -19.22 -11.47 38.37
CA ALA B 261 -19.16 -10.46 37.33
C ALA B 261 -20.21 -10.69 36.25
N ILE B 262 -20.44 -11.96 35.92
CA ILE B 262 -21.44 -12.32 34.92
C ILE B 262 -22.85 -12.01 35.42
N ASP B 263 -23.12 -12.35 36.68
CA ASP B 263 -24.39 -12.01 37.32
C ASP B 263 -24.61 -10.50 37.29
N LEU B 264 -23.56 -9.77 37.63
CA LEU B 264 -23.55 -8.31 37.65
C LEU B 264 -23.84 -7.73 36.26
N TRP B 265 -23.24 -8.33 35.25
CA TRP B 265 -23.44 -7.93 33.86
C TRP B 265 -24.88 -8.20 33.42
N HIS B 266 -25.39 -9.39 33.74
CA HIS B 266 -26.77 -9.76 33.43
C HIS B 266 -27.77 -8.84 34.12
N LYS B 267 -27.44 -8.42 35.34
CA LYS B 267 -28.31 -7.55 36.13
C LYS B 267 -28.47 -6.18 35.47
N HIS B 268 -27.37 -5.56 35.08
CA HIS B 268 -27.39 -4.21 34.54
C HIS B 268 -27.75 -4.14 33.07
N CYS B 269 -27.54 -5.22 32.32
CA CYS B 269 -27.80 -5.22 30.88
C CYS B 269 -28.95 -6.14 30.45
N GLY B 270 -29.57 -6.83 31.41
CA GLY B 270 -30.75 -7.65 31.15
C GLY B 270 -30.41 -8.95 30.44
N GLY C 2 -16.97 -23.71 -9.58
CA GLY C 2 -16.39 -22.89 -10.69
C GLY C 2 -15.54 -21.74 -10.20
N GLN C 3 -16.14 -20.90 -9.35
CA GLN C 3 -15.43 -19.76 -8.76
C GLN C 3 -14.29 -20.24 -7.87
N LEU C 4 -14.50 -21.34 -7.15
CA LEU C 4 -13.52 -21.84 -6.21
C LEU C 4 -12.28 -22.36 -6.93
N GLN C 5 -12.49 -23.06 -8.04
CA GLN C 5 -11.38 -23.56 -8.86
C GLN C 5 -10.44 -22.43 -9.29
N ALA C 6 -11.03 -21.32 -9.71
CA ALA C 6 -10.27 -20.16 -10.14
C ALA C 6 -9.51 -19.53 -8.99
N ALA C 7 -10.10 -19.55 -7.80
CA ALA C 7 -9.46 -19.03 -6.59
C ALA C 7 -8.27 -19.88 -6.17
N GLU C 8 -8.39 -21.19 -6.33
CA GLU C 8 -7.28 -22.11 -6.07
C GLU C 8 -6.19 -21.94 -7.14
N SER C 9 -6.59 -21.68 -8.37
CA SER C 9 -5.63 -21.36 -9.44
C SER C 9 -4.73 -20.20 -9.06
N ARG C 10 -5.33 -19.16 -8.51
CA ARG C 10 -4.60 -17.97 -8.07
C ARG C 10 -3.61 -18.31 -6.94
N TYR C 11 -4.04 -19.12 -5.99
CA TYR C 11 -3.19 -19.54 -4.87
C TYR C 11 -1.97 -20.27 -5.39
N GLU C 12 -2.20 -21.26 -6.25
CA GLU C 12 -1.12 -22.09 -6.77
C GLU C 12 -0.08 -21.25 -7.51
N ALA C 13 -0.56 -20.32 -8.32
CA ALA C 13 0.33 -19.44 -9.07
C ALA C 13 1.18 -18.59 -8.14
N GLN C 14 0.54 -18.02 -7.12
CA GLN C 14 1.29 -17.22 -6.17
C GLN C 14 2.30 -18.08 -5.42
N LYS C 15 1.95 -19.33 -5.15
CA LYS C 15 2.86 -20.28 -4.51
C LYS C 15 4.12 -20.39 -5.36
N ARG C 16 3.94 -20.49 -6.67
CA ARG C 16 5.06 -20.62 -7.60
C ARG C 16 5.98 -19.42 -7.49
N ILE C 17 5.38 -18.24 -7.41
CA ILE C 17 6.15 -17.01 -7.33
C ILE C 17 6.98 -16.98 -6.05
N THR C 18 6.32 -17.29 -4.93
CA THR C 18 6.97 -17.37 -3.62
C THR C 18 8.14 -18.34 -3.67
N GLN C 19 7.94 -19.52 -4.25
CA GLN C 19 9.00 -20.53 -4.30
C GLN C 19 10.19 -20.09 -5.13
N VAL C 20 9.99 -19.24 -6.13
CA VAL C 20 11.11 -18.68 -6.90
C VAL C 20 11.90 -17.69 -6.06
N PHE C 21 11.18 -16.82 -5.37
CA PHE C 21 11.82 -15.86 -4.47
C PHE C 21 12.52 -16.59 -3.33
N GLU C 22 11.86 -17.64 -2.81
CA GLU C 22 12.45 -18.49 -1.79
C GLU C 22 13.83 -18.98 -2.19
N LEU C 23 13.96 -19.50 -3.40
CA LEU C 23 15.23 -20.05 -3.87
C LEU C 23 16.25 -18.95 -4.10
N GLU C 24 15.78 -17.80 -4.57
CA GLU C 24 16.66 -16.65 -4.77
C GLU C 24 17.23 -16.18 -3.44
N ILE C 25 16.39 -16.16 -2.40
CA ILE C 25 16.84 -15.81 -1.05
C ILE C 25 17.89 -16.79 -0.54
N LEU C 26 17.57 -18.08 -0.61
CA LEU C 26 18.49 -19.15 -0.21
C LEU C 26 19.84 -19.02 -0.92
N ASP C 27 19.78 -18.73 -2.22
CA ASP C 27 20.99 -18.50 -3.01
C ASP C 27 21.77 -17.31 -2.47
N LEU C 28 21.06 -16.22 -2.18
CA LEU C 28 21.70 -15.00 -1.67
C LEU C 28 22.32 -15.18 -0.29
N TYR C 29 21.64 -15.87 0.62
CA TYR C 29 22.20 -16.20 1.93
C TYR C 29 23.49 -17.01 1.74
N GLY C 30 23.42 -18.02 0.89
CA GLY C 30 24.57 -18.85 0.55
C GLY C 30 25.76 -18.07 0.03
N ARG C 31 25.50 -17.03 -0.76
CA ARG C 31 26.58 -16.22 -1.30
C ARG C 31 27.36 -15.46 -0.21
N LEU C 32 26.71 -15.14 0.91
CA LEU C 32 27.42 -14.51 2.04
C LEU C 32 28.38 -15.48 2.72
N GLY D 1 -20.22 -21.03 0.13
CA GLY D 1 -19.98 -19.62 0.55
C GLY D 1 -18.75 -19.48 1.43
N GLY D 2 -18.77 -20.16 2.57
CA GLY D 2 -17.65 -20.21 3.51
C GLY D 2 -16.35 -20.77 2.92
N GLN D 3 -16.49 -21.74 2.03
CA GLN D 3 -15.35 -22.44 1.41
C GLN D 3 -14.48 -21.51 0.54
N LEU D 4 -15.15 -20.62 -0.20
CA LEU D 4 -14.47 -19.70 -1.11
C LEU D 4 -13.68 -18.65 -0.33
N GLN D 5 -14.27 -18.16 0.75
CA GLN D 5 -13.62 -17.21 1.65
C GLN D 5 -12.26 -17.73 2.13
N ALA D 6 -12.23 -18.99 2.52
CA ALA D 6 -11.02 -19.65 3.00
C ALA D 6 -9.97 -19.79 1.89
N ALA D 7 -10.44 -20.05 0.66
CA ALA D 7 -9.57 -20.16 -0.50
C ALA D 7 -8.92 -18.82 -0.85
N GLU D 8 -9.68 -17.74 -0.70
CA GLU D 8 -9.15 -16.40 -0.90
C GLU D 8 -8.20 -16.01 0.23
N SER D 9 -8.50 -16.48 1.44
CA SER D 9 -7.58 -16.29 2.56
C SER D 9 -6.20 -16.84 2.23
N ARG D 10 -6.14 -18.02 1.62
CA ARG D 10 -4.87 -18.65 1.23
C ARG D 10 -4.11 -17.81 0.22
N TYR D 11 -4.84 -17.29 -0.77
CA TYR D 11 -4.24 -16.44 -1.79
C TYR D 11 -3.63 -15.17 -1.18
N GLU D 12 -4.41 -14.48 -0.36
CA GLU D 12 -3.97 -13.23 0.25
C GLU D 12 -2.74 -13.46 1.09
N ALA D 13 -2.72 -14.55 1.85
CA ALA D 13 -1.59 -14.87 2.71
C ALA D 13 -0.34 -15.09 1.86
N GLN D 14 -0.48 -15.84 0.77
CA GLN D 14 0.64 -16.06 -0.16
C GLN D 14 1.16 -14.75 -0.74
N LYS D 15 0.23 -13.84 -1.03
CA LYS D 15 0.58 -12.51 -1.51
C LYS D 15 1.46 -11.78 -0.50
N ARG D 16 1.11 -11.88 0.77
CA ARG D 16 1.86 -11.24 1.84
C ARG D 16 3.26 -11.84 1.97
N ILE D 17 3.37 -13.16 1.79
CA ILE D 17 4.67 -13.82 1.85
C ILE D 17 5.57 -13.27 0.76
N THR D 18 5.04 -13.18 -0.45
CA THR D 18 5.77 -12.61 -1.58
C THR D 18 6.34 -11.21 -1.27
N GLN D 19 5.48 -10.35 -0.72
CA GLN D 19 5.87 -8.98 -0.41
C GLN D 19 7.00 -8.90 0.63
N VAL D 20 7.01 -9.84 1.58
CA VAL D 20 8.08 -9.83 2.59
C VAL D 20 9.36 -10.37 1.96
N PHE D 21 9.26 -11.41 1.12
CA PHE D 21 10.43 -11.93 0.42
C PHE D 21 11.02 -10.88 -0.50
N GLU D 22 10.15 -10.17 -1.21
CA GLU D 22 10.57 -9.07 -2.08
C GLU D 22 11.48 -8.09 -1.35
N LEU D 23 11.04 -7.67 -0.18
CA LEU D 23 11.78 -6.70 0.61
C LEU D 23 13.04 -7.30 1.22
N GLU D 24 12.98 -8.58 1.59
CA GLU D 24 14.15 -9.27 2.11
C GLU D 24 15.24 -9.36 1.04
N ILE D 25 14.83 -9.64 -0.19
CA ILE D 25 15.77 -9.69 -1.31
C ILE D 25 16.43 -8.32 -1.52
N LEU D 26 15.62 -7.28 -1.63
CA LEU D 26 16.11 -5.90 -1.77
C LEU D 26 17.09 -5.54 -0.66
N ASP D 27 16.76 -5.93 0.57
CA ASP D 27 17.64 -5.71 1.72
C ASP D 27 18.96 -6.46 1.53
N LEU D 28 18.89 -7.71 1.11
CA LEU D 28 20.08 -8.54 0.90
C LEU D 28 20.99 -8.03 -0.21
N TYR D 29 20.40 -7.60 -1.33
CA TYR D 29 21.18 -6.98 -2.40
C TYR D 29 21.90 -5.75 -1.87
N GLY D 30 21.17 -4.90 -1.15
CA GLY D 30 21.73 -3.72 -0.51
C GLY D 30 22.88 -4.01 0.44
N ARG D 31 22.78 -5.11 1.18
CA ARG D 31 23.75 -5.50 2.19
C ARG D 31 25.05 -5.97 1.53
N LEU D 32 24.90 -6.74 0.46
CA LEU D 32 26.01 -7.36 -0.22
C LEU D 32 26.68 -6.41 -1.23
N GLU D 33 26.05 -5.28 -1.52
CA GLU D 33 26.64 -4.28 -2.41
C GLU D 33 27.70 -3.45 -1.69
N LYS D 34 28.91 -4.01 -1.59
CA LYS D 34 30.06 -3.32 -1.00
C LYS D 34 31.36 -4.07 -1.29
N GLY E 2 20.73 -5.17 -17.53
CA GLY E 2 19.86 -4.45 -18.49
C GLY E 2 18.61 -5.21 -18.86
N GLN E 3 18.80 -6.44 -19.35
CA GLN E 3 17.68 -7.31 -19.70
C GLN E 3 16.86 -7.66 -18.48
N LEU E 4 17.52 -7.84 -17.33
CA LEU E 4 16.83 -8.25 -16.10
C LEU E 4 15.93 -7.16 -15.58
N GLN E 5 16.40 -5.91 -15.63
CA GLN E 5 15.60 -4.76 -15.22
C GLN E 5 14.28 -4.70 -15.97
N ALA E 6 14.34 -4.93 -17.26
CA ALA E 6 13.15 -4.91 -18.11
C ALA E 6 12.19 -6.06 -17.78
N ALA E 7 12.76 -7.20 -17.43
CA ALA E 7 11.97 -8.37 -17.02
C ALA E 7 11.24 -8.13 -15.70
N GLU E 8 11.89 -7.44 -14.78
CA GLU E 8 11.26 -7.07 -13.52
C GLU E 8 10.22 -5.99 -13.74
N SER E 9 10.48 -5.10 -14.69
CA SER E 9 9.49 -4.09 -15.08
C SER E 9 8.19 -4.76 -15.47
N ARG E 10 8.28 -5.83 -16.26
CA ARG E 10 7.10 -6.56 -16.73
C ARG E 10 6.32 -7.16 -15.57
N TYR E 11 7.05 -7.75 -14.62
CA TYR E 11 6.44 -8.35 -13.43
C TYR E 11 5.67 -7.32 -12.62
N GLU E 12 6.34 -6.20 -12.32
CA GLU E 12 5.75 -5.16 -11.51
C GLU E 12 4.48 -4.61 -12.14
N ALA E 13 4.53 -4.40 -13.46
CA ALA E 13 3.39 -3.88 -14.19
C ALA E 13 2.21 -4.85 -14.10
N GLN E 14 2.49 -6.14 -14.29
CA GLN E 14 1.46 -7.17 -14.15
C GLN E 14 0.85 -7.17 -12.74
N LYS E 15 1.70 -6.97 -11.76
CA LYS E 15 1.26 -6.87 -10.37
C LYS E 15 0.24 -5.74 -10.20
N ARG E 16 0.53 -4.61 -10.83
CA ARG E 16 -0.36 -3.44 -10.77
C ARG E 16 -1.70 -3.71 -11.45
N ILE E 17 -1.66 -4.45 -12.56
CA ILE E 17 -2.89 -4.81 -13.27
C ILE E 17 -3.78 -5.65 -12.37
N THR E 18 -3.18 -6.64 -11.73
CA THR E 18 -3.88 -7.49 -10.77
C THR E 18 -4.61 -6.68 -9.70
N GLN E 19 -3.88 -5.73 -9.10
CA GLN E 19 -4.44 -4.89 -8.03
C GLN E 19 -5.64 -4.07 -8.50
N VAL E 20 -5.62 -3.64 -9.76
CA VAL E 20 -6.73 -2.88 -10.33
C VAL E 20 -7.92 -3.78 -10.54
N PHE E 21 -7.67 -4.96 -11.10
CA PHE E 21 -8.72 -5.95 -11.32
C PHE E 21 -9.35 -6.37 -10.01
N GLU E 22 -8.50 -6.58 -9.00
CA GLU E 22 -8.93 -6.92 -7.64
C GLU E 22 -9.99 -5.93 -7.14
N LEU E 23 -9.69 -4.64 -7.26
CA LEU E 23 -10.59 -3.60 -6.80
C LEU E 23 -11.84 -3.50 -7.67
N GLU E 24 -11.69 -3.72 -8.97
CA GLU E 24 -12.83 -3.71 -9.88
C GLU E 24 -13.80 -4.83 -9.53
N ILE E 25 -13.26 -6.00 -9.21
CA ILE E 25 -14.08 -7.14 -8.81
C ILE E 25 -14.85 -6.82 -7.53
N LEU E 26 -14.14 -6.35 -6.52
CA LEU E 26 -14.76 -5.96 -5.28
C LEU E 26 -15.87 -4.92 -5.47
N ASP E 27 -15.61 -3.95 -6.34
CA ASP E 27 -16.61 -2.94 -6.70
C ASP E 27 -17.83 -3.60 -7.32
N LEU E 28 -17.60 -4.53 -8.24
CA LEU E 28 -18.67 -5.23 -8.95
C LEU E 28 -19.52 -6.11 -8.03
N TYR E 29 -18.87 -6.84 -7.12
CA TYR E 29 -19.60 -7.63 -6.11
C TYR E 29 -20.47 -6.69 -5.27
N GLY E 30 -19.88 -5.59 -4.83
CA GLY E 30 -20.62 -4.58 -4.07
C GLY E 30 -21.83 -4.03 -4.78
N ARG E 31 -21.74 -3.86 -6.11
CA ARG E 31 -22.85 -3.32 -6.88
C ARG E 31 -23.99 -4.32 -7.00
N LEU E 32 -23.62 -5.58 -7.19
CA LEU E 32 -24.58 -6.68 -7.28
C LEU E 32 -24.96 -7.14 -5.86
N GLU E 33 -25.99 -6.50 -5.30
CA GLU E 33 -26.44 -6.81 -3.94
C GLU E 33 -27.88 -6.36 -3.68
N GLY F 2 20.27 -17.42 -15.75
CA GLY F 2 19.68 -18.10 -14.56
C GLY F 2 18.75 -17.20 -13.77
N GLN F 3 19.25 -16.05 -13.36
CA GLN F 3 18.47 -15.05 -12.62
C GLN F 3 17.31 -14.50 -13.47
N LEU F 4 17.57 -14.33 -14.76
CA LEU F 4 16.56 -13.79 -15.68
C LEU F 4 15.41 -14.78 -15.90
N GLN F 5 15.76 -16.05 -16.04
CA GLN F 5 14.80 -17.14 -16.18
C GLN F 5 13.77 -17.11 -15.05
N ALA F 6 14.25 -16.93 -13.83
CA ALA F 6 13.41 -16.88 -12.64
C ALA F 6 12.51 -15.66 -12.63
N ALA F 7 13.04 -14.55 -13.15
CA ALA F 7 12.27 -13.30 -13.27
C ALA F 7 11.14 -13.43 -14.29
N GLU F 8 11.40 -14.13 -15.38
CA GLU F 8 10.37 -14.42 -16.39
C GLU F 8 9.34 -15.40 -15.82
N SER F 9 9.80 -16.35 -15.00
CA SER F 9 8.89 -17.27 -14.33
C SER F 9 7.82 -16.50 -13.53
N ARG F 10 8.28 -15.49 -12.81
CA ARG F 10 7.40 -14.66 -11.99
C ARG F 10 6.38 -13.90 -12.84
N TYR F 11 6.85 -13.36 -13.98
CA TYR F 11 5.98 -12.63 -14.90
C TYR F 11 4.86 -13.52 -15.43
N GLU F 12 5.22 -14.71 -15.93
CA GLU F 12 4.23 -15.60 -16.55
C GLU F 12 3.18 -15.99 -15.51
N ALA F 13 3.61 -16.27 -14.28
CA ALA F 13 2.70 -16.65 -13.21
C ALA F 13 1.72 -15.54 -12.89
N GLN F 14 2.23 -14.32 -12.78
CA GLN F 14 1.37 -13.20 -12.54
C GLN F 14 0.39 -12.99 -13.69
N LYS F 15 0.85 -13.24 -14.91
CA LYS F 15 -0.01 -13.15 -16.10
C LYS F 15 -1.20 -14.06 -15.94
N ARG F 16 -0.93 -15.28 -15.47
CA ARG F 16 -1.97 -16.28 -15.28
C ARG F 16 -2.97 -15.81 -14.24
N ILE F 17 -2.50 -15.18 -13.18
CA ILE F 17 -3.40 -14.66 -12.15
C ILE F 17 -4.33 -13.60 -12.73
N THR F 18 -3.73 -12.66 -13.47
CA THR F 18 -4.46 -11.62 -14.17
C THR F 18 -5.54 -12.18 -15.08
N GLN F 19 -5.19 -13.17 -15.88
CA GLN F 19 -6.13 -13.74 -16.84
C GLN F 19 -7.28 -14.49 -16.13
N VAL F 20 -7.07 -14.98 -14.92
CA VAL F 20 -8.17 -15.56 -14.13
C VAL F 20 -9.11 -14.47 -13.64
N PHE F 21 -8.53 -13.39 -13.11
CA PHE F 21 -9.32 -12.24 -12.67
C PHE F 21 -10.06 -11.64 -13.87
N GLU F 22 -9.38 -11.56 -14.99
CA GLU F 22 -9.99 -11.08 -16.23
C GLU F 22 -11.29 -11.81 -16.57
N LEU F 23 -11.29 -13.15 -16.53
CA LEU F 23 -12.52 -13.91 -16.86
C LEU F 23 -13.56 -13.78 -15.75
N GLU F 24 -13.11 -13.63 -14.49
CA GLU F 24 -14.04 -13.41 -13.37
C GLU F 24 -14.76 -12.07 -13.53
N ILE F 25 -14.03 -11.04 -13.97
CA ILE F 25 -14.61 -9.73 -14.25
C ILE F 25 -15.66 -9.82 -15.35
N LEU F 26 -15.27 -10.41 -16.48
CA LEU F 26 -16.19 -10.62 -17.61
C LEU F 26 -17.46 -11.35 -17.17
N ASP F 27 -17.29 -12.37 -16.34
CA ASP F 27 -18.43 -13.10 -15.80
C ASP F 27 -19.31 -12.19 -14.96
N LEU F 28 -18.68 -11.38 -14.10
CA LEU F 28 -19.41 -10.47 -13.21
C LEU F 28 -20.18 -9.38 -13.98
N TYR F 29 -19.55 -8.79 -14.99
CA TYR F 29 -20.23 -7.82 -15.86
C TYR F 29 -21.46 -8.47 -16.50
N GLY F 30 -21.25 -9.67 -17.04
CA GLY F 30 -22.34 -10.45 -17.63
C GLY F 30 -23.50 -10.70 -16.67
N ARG F 31 -23.20 -10.94 -15.39
CA ARG F 31 -24.24 -11.22 -14.40
C ARG F 31 -25.06 -9.99 -14.05
N LEU F 32 -24.37 -8.86 -13.92
CA LEU F 32 -25.06 -7.60 -13.55
C LEU F 32 -25.77 -6.95 -14.73
N GLU F 33 -25.50 -7.45 -15.93
CA GLU F 33 -26.26 -7.09 -17.12
C GLU F 33 -27.57 -7.87 -17.11
N LYS F 34 -27.50 -9.16 -16.75
CA LYS F 34 -28.69 -10.01 -16.66
C LYS F 34 -29.64 -9.55 -15.55
N ASP F 35 -29.08 -8.98 -14.48
CA ASP F 35 -29.90 -8.50 -13.37
C ASP F 35 -30.67 -7.22 -13.76
N GLY F 36 -30.17 -6.52 -14.78
CA GLY F 36 -30.90 -5.41 -15.40
C GLY F 36 -32.07 -5.88 -16.26
N LEU F 37 -31.99 -7.10 -16.79
CA LEU F 37 -33.07 -7.69 -17.60
C LEU F 37 -34.23 -8.25 -16.75
N LEU F 38 -33.91 -8.80 -15.58
CA LEU F 38 -34.92 -9.24 -14.61
C LEU F 38 -35.80 -8.09 -14.10
N LYS F 39 -35.32 -6.87 -14.29
CA LYS F 39 -36.06 -5.64 -13.98
C LYS F 39 -37.33 -5.47 -14.83
N LYS F 40 -37.28 -5.90 -16.08
CA LYS F 40 -38.39 -5.72 -17.03
C LYS F 40 -39.39 -6.88 -16.94
#